data_8SRR
#
_entry.id   8SRR
#
_cell.length_a   1.00
_cell.length_b   1.00
_cell.length_c   1.00
_cell.angle_alpha   90.00
_cell.angle_beta   90.00
_cell.angle_gamma   90.00
#
_symmetry.space_group_name_H-M   'P 1'
#
loop_
_entity.id
_entity.type
_entity.pdbx_description
1 polymer 'Nuclear cap-binding protein subunit 1'
2 polymer 'Nuclear cap-binding protein subunit 2'
3 polymer 'RNA and export factor binding protein 2'
4 non-polymer "7N-METHYL-8-HYDROGUANOSINE-5'-DIPHOSPHATE"
#
loop_
_entity_poly.entity_id
_entity_poly.type
_entity_poly.pdbx_seq_one_letter_code
_entity_poly.pdbx_strand_id
1 'polypeptide(L)'
;MSRRRHSDENDGGQPHKRRKTSDANETEDHLESLICKVGEKSACSLESNLEGLAGVLEADLPNYKSKILRLLCTVARLLP
EKLTIYTTLVGLLNARNYNFGGEFVEAMIRQLKESLKANNYNEAVYLVRFLSDLVNCHVIAAPSMVAMFENFVSVTQEED
VPQVRRDWYVYAFLSSLPWVGKELYEKKDAEMDRIFANTESYLKRRQKTHVPMLQVWTADKPHPQEEYLDCLWAQIQKLK
KDRWQERHILRPYLAFDSILCEALQHNLPPFTPPPHTEDSVYPMPRVIFRMFDYTDDPEGPVMPGSHSVERFVIEENLHC
IIKSHWKERKTCAAQLVSYPGKNKIPLNYHIVEVIFAELFQLPAPPHIDVMYTTLLIELCKLQPGSLPQVLAQATEMLYM
RLDTMNTTCVDRFINWFSHHLSNFQFRWSWEDWSDCLSQDPESPKPKFVREVLEKCMRLSYHQRILDIVPPTFSALCPAN
PTCIYKYGDESSNSLPGHSVALCLAVAFKSKATNDEIFSILKDVPNPNQDDDDDEGFSFNPLKIEVFVQTLLHLAAKSFS
HSFSALAKFHEVFKTLAESDEGKLHVLRVMFEVWRNHPQMIAVLVDKMIRTQIVDCAAVANWIFSSELSRDFTRLFVWEI
LHSTIRKMNKHVLKIQKELEEAKEKLARQHKRRSDDDDRSSDRKDGVLEEQIERLQEKVESAQSEQKNLFLVIFQRFIMI
LTEHLVRCETDGTSVLTPWYKNCIERLQQIFLQHHQIIQQYMVTLENLLFTAELDPHILAVFQQFCALQA
;
A
2 'polypeptide(L)'
;MSGGLLKALRSDSYVELSQYRDQHFRGDNEEQEKLLKKSCTLYVGNLSFYTTEEQIYELFSKSGDIKKIIMGLDKMKKTA
CGFCFVEYYSRADAENAMRYINGTRLDDRIIRTDWDAGFKEGRQYGRGRSGGQVRDEYRQDYDAGRGGYGKLAQNQ
;
B
3 'polypeptide(L)'
;GAMGSMADKMDMSLDDIIKLNRNQRRVNRGGGPRRNRPAIARGGRNRPAPYSRPKPLPDKWQHDLFDSGCGGGEGVETGA
KLLVSNLDFGVSDADIQELFAEFGTLKKAAVDYDRSGRSLGTADVHFERRADALKAMKQYKGVPLDGRPMDIQLVTSQID
;
C
#
# COMPACT_ATOMS: atom_id res chain seq x y z
N THR A 27 -10.38 5.24 -38.00
CA THR A 27 -10.49 5.94 -36.73
C THR A 27 -10.89 4.98 -35.62
N GLU A 28 -10.37 3.75 -35.69
CA GLU A 28 -10.72 2.75 -34.67
C GLU A 28 -10.21 3.17 -33.29
N ASP A 29 -8.98 3.68 -33.21
CA ASP A 29 -8.45 4.14 -31.95
C ASP A 29 -8.81 5.60 -31.66
N HIS A 30 -9.27 6.32 -32.67
CA HIS A 30 -9.61 7.73 -32.48
C HIS A 30 -10.81 7.90 -31.56
N LEU A 31 -11.73 6.94 -31.56
CA LEU A 31 -12.96 7.09 -30.79
C LEU A 31 -12.67 7.16 -29.29
N GLU A 32 -11.92 6.20 -28.76
CA GLU A 32 -11.64 6.19 -27.33
C GLU A 32 -10.74 7.34 -26.90
N SER A 33 -9.93 7.88 -27.81
CA SER A 33 -9.08 9.00 -27.47
C SER A 33 -9.91 10.23 -27.11
N LEU A 34 -10.87 10.59 -27.98
CA LEU A 34 -11.69 11.77 -27.72
C LEU A 34 -12.72 11.53 -26.63
N ILE A 35 -13.14 10.28 -26.43
CA ILE A 35 -14.09 9.99 -25.36
C ILE A 35 -13.49 10.26 -23.99
N CYS A 36 -12.22 9.86 -23.80
CA CYS A 36 -11.59 10.04 -22.50
C CYS A 36 -11.11 11.46 -22.25
N LYS A 37 -11.05 12.29 -23.29
CA LYS A 37 -10.59 13.67 -23.09
C LYS A 37 -11.72 14.61 -22.69
N VAL A 38 -12.97 14.14 -22.69
CA VAL A 38 -14.09 15.01 -22.38
C VAL A 38 -13.97 15.53 -20.95
N GLY A 39 -13.75 14.64 -19.99
CA GLY A 39 -13.56 15.05 -18.62
C GLY A 39 -12.21 15.66 -18.34
N GLU A 40 -11.27 15.54 -19.27
CA GLU A 40 -9.93 16.07 -19.07
C GLU A 40 -9.97 17.60 -19.12
N LYS A 41 -8.87 18.22 -18.67
CA LYS A 41 -8.74 19.66 -18.72
C LYS A 41 -8.88 20.16 -20.15
N SER A 42 -9.64 21.24 -20.33
CA SER A 42 -9.86 21.81 -21.64
C SER A 42 -10.00 23.32 -21.53
N ALA A 43 -9.40 24.04 -22.48
CA ALA A 43 -9.56 25.48 -22.53
C ALA A 43 -11.01 25.86 -22.82
N CYS A 44 -11.66 25.15 -23.73
CA CYS A 44 -13.06 25.40 -24.02
C CYS A 44 -13.94 24.91 -22.87
N SER A 45 -15.14 25.49 -22.79
CA SER A 45 -16.07 25.11 -21.74
C SER A 45 -16.50 23.66 -21.90
N LEU A 46 -16.74 23.00 -20.77
CA LEU A 46 -17.15 21.60 -20.77
C LEU A 46 -18.50 21.43 -21.46
N GLU A 47 -19.42 22.36 -21.21
CA GLU A 47 -20.75 22.28 -21.81
C GLU A 47 -20.66 22.35 -23.33
N SER A 48 -19.86 23.27 -23.86
CA SER A 48 -19.69 23.36 -25.30
C SER A 48 -19.01 22.11 -25.85
N ASN A 49 -18.07 21.54 -25.09
CA ASN A 49 -17.34 20.37 -25.55
C ASN A 49 -18.28 19.17 -25.70
N LEU A 50 -19.22 19.01 -24.77
CA LEU A 50 -20.16 17.89 -24.85
C LEU A 50 -20.99 17.94 -26.12
N GLU A 51 -21.51 19.12 -26.46
CA GLU A 51 -22.34 19.24 -27.65
C GLU A 51 -21.56 18.92 -28.91
N GLY A 52 -20.31 19.39 -28.98
CA GLY A 52 -19.49 19.12 -30.15
C GLY A 52 -19.22 17.64 -30.33
N LEU A 53 -18.93 16.93 -29.25
CA LEU A 53 -18.66 15.51 -29.36
C LEU A 53 -19.92 14.69 -29.61
N ALA A 54 -21.09 15.23 -29.26
CA ALA A 54 -22.32 14.51 -29.55
C ALA A 54 -22.52 14.33 -31.05
N GLY A 55 -22.23 15.37 -31.83
CA GLY A 55 -22.39 15.27 -33.27
C GLY A 55 -21.43 14.30 -33.91
N VAL A 56 -20.17 14.30 -33.47
CA VAL A 56 -19.16 13.47 -34.12
C VAL A 56 -19.45 11.99 -33.91
N LEU A 57 -20.07 11.63 -32.79
CA LEU A 57 -20.44 10.24 -32.57
C LEU A 57 -21.61 9.80 -33.45
N GLU A 58 -22.44 10.74 -33.90
CA GLU A 58 -23.53 10.38 -34.79
C GLU A 58 -23.02 9.89 -36.14
N ALA A 59 -21.99 10.55 -36.68
CA ALA A 59 -21.56 10.24 -38.04
C ALA A 59 -21.04 8.82 -38.15
N ASP A 60 -20.22 8.38 -37.21
CA ASP A 60 -19.64 7.05 -37.24
C ASP A 60 -20.49 6.02 -36.51
N LEU A 61 -21.65 6.42 -35.97
CA LEU A 61 -22.52 5.47 -35.31
C LEU A 61 -22.98 4.31 -36.20
N PRO A 62 -23.39 4.52 -37.46
CA PRO A 62 -23.90 3.38 -38.24
C PRO A 62 -22.90 2.24 -38.41
N ASN A 63 -21.61 2.54 -38.53
CA ASN A 63 -20.61 1.50 -38.76
C ASN A 63 -19.70 1.29 -37.55
N TYR A 64 -20.00 1.92 -36.41
CA TYR A 64 -19.23 1.69 -35.20
C TYR A 64 -20.10 1.61 -33.96
N LYS A 65 -21.39 1.30 -34.12
CA LYS A 65 -22.29 1.25 -32.97
C LYS A 65 -21.84 0.20 -31.97
N SER A 66 -21.40 -0.96 -32.45
CA SER A 66 -20.97 -2.03 -31.54
C SER A 66 -19.78 -1.59 -30.70
N LYS A 67 -18.82 -0.89 -31.31
CA LYS A 67 -17.65 -0.46 -30.57
C LYS A 67 -17.98 0.68 -29.61
N ILE A 68 -18.89 1.56 -30.02
CA ILE A 68 -19.27 2.69 -29.16
C ILE A 68 -19.89 2.19 -27.87
N LEU A 69 -20.78 1.19 -27.97
CA LEU A 69 -21.40 0.64 -26.77
C LEU A 69 -20.36 0.04 -25.85
N ARG A 70 -19.38 -0.69 -26.40
CA ARG A 70 -18.33 -1.26 -25.58
C ARG A 70 -17.52 -0.18 -24.89
N LEU A 71 -17.19 0.89 -25.61
CA LEU A 71 -16.39 1.97 -25.02
C LEU A 71 -17.14 2.66 -23.89
N LEU A 72 -18.43 2.96 -24.11
CA LEU A 72 -19.19 3.66 -23.08
C LEU A 72 -19.44 2.77 -21.88
N CYS A 73 -19.68 1.47 -22.10
CA CYS A 73 -19.88 0.56 -20.98
C CYS A 73 -18.62 0.46 -20.12
N THR A 74 -17.45 0.35 -20.76
CA THR A 74 -16.21 0.24 -20.00
C THR A 74 -15.93 1.50 -19.20
N VAL A 75 -16.10 2.67 -19.81
CA VAL A 75 -15.81 3.91 -19.11
C VAL A 75 -16.82 4.17 -17.99
N ALA A 76 -18.00 3.54 -18.05
CA ALA A 76 -18.96 3.72 -16.98
C ALA A 76 -18.47 3.11 -15.67
N ARG A 77 -17.82 1.96 -15.74
CA ARG A 77 -17.36 1.26 -14.55
C ARG A 77 -15.90 1.54 -14.21
N LEU A 78 -15.18 2.26 -15.06
CA LEU A 78 -13.77 2.53 -14.80
C LEU A 78 -13.49 3.98 -14.41
N LEU A 79 -14.38 4.91 -14.72
CA LEU A 79 -14.19 6.32 -14.43
C LEU A 79 -15.42 6.87 -13.71
N PRO A 80 -15.59 6.51 -12.44
CA PRO A 80 -16.73 7.06 -11.67
C PRO A 80 -16.49 8.46 -11.17
N GLU A 81 -15.26 8.98 -11.26
CA GLU A 81 -15.00 10.35 -10.82
C GLU A 81 -15.79 11.34 -11.65
N LYS A 82 -15.87 11.12 -12.96
CA LYS A 82 -16.55 12.00 -13.89
C LYS A 82 -17.75 11.30 -14.53
N LEU A 83 -18.52 10.57 -13.71
CA LEU A 83 -19.67 9.86 -14.24
C LEU A 83 -20.72 10.83 -14.77
N THR A 84 -20.93 11.94 -14.07
CA THR A 84 -21.92 12.91 -14.52
C THR A 84 -21.55 13.49 -15.89
N ILE A 85 -20.26 13.60 -16.18
CA ILE A 85 -19.83 14.08 -17.49
C ILE A 85 -20.26 13.12 -18.59
N TYR A 86 -20.06 11.82 -18.37
CA TYR A 86 -20.38 10.85 -19.41
C TYR A 86 -21.87 10.59 -19.52
N THR A 87 -22.62 10.70 -18.41
CA THR A 87 -24.06 10.48 -18.48
C THR A 87 -24.74 11.49 -19.39
N THR A 88 -24.29 12.75 -19.35
CA THR A 88 -24.81 13.74 -20.29
C THR A 88 -24.50 13.34 -21.72
N LEU A 89 -23.29 12.81 -21.96
CA LEU A 89 -22.93 12.38 -23.30
C LEU A 89 -23.89 11.32 -23.81
N VAL A 90 -24.24 10.36 -22.96
CA VAL A 90 -25.24 9.37 -23.34
C VAL A 90 -26.59 10.03 -23.57
N GLY A 91 -26.95 10.98 -22.70
CA GLY A 91 -28.21 11.67 -22.86
C GLY A 91 -28.32 12.41 -24.18
N LEU A 92 -27.24 13.08 -24.59
CA LEU A 92 -27.25 13.77 -25.87
C LEU A 92 -27.44 12.79 -27.02
N LEU A 93 -26.76 11.64 -26.97
CA LEU A 93 -26.95 10.64 -28.00
C LEU A 93 -28.34 10.02 -27.93
N ASN A 94 -28.96 10.02 -26.74
CA ASN A 94 -30.29 9.45 -26.61
C ASN A 94 -31.31 10.26 -27.41
N ALA A 95 -31.29 11.59 -27.25
CA ALA A 95 -32.23 12.44 -27.98
C ALA A 95 -31.97 12.37 -29.48
N ARG A 96 -30.70 12.35 -29.88
CA ARG A 96 -30.38 12.28 -31.30
C ARG A 96 -30.83 10.96 -31.92
N ASN A 97 -30.66 9.86 -31.21
CA ASN A 97 -31.03 8.54 -31.71
C ASN A 97 -31.64 7.74 -30.56
N TYR A 98 -32.94 7.45 -30.67
CA TYR A 98 -33.60 6.65 -29.64
C TYR A 98 -33.12 5.21 -29.65
N ASN A 99 -32.82 4.66 -30.83
CA ASN A 99 -32.38 3.27 -30.91
C ASN A 99 -31.06 3.07 -30.17
N PHE A 100 -30.15 4.04 -30.27
CA PHE A 100 -28.88 3.93 -29.56
C PHE A 100 -29.08 3.89 -28.06
N GLY A 101 -30.01 4.70 -27.55
CA GLY A 101 -30.22 4.74 -26.11
C GLY A 101 -30.71 3.41 -25.55
N GLY A 102 -31.70 2.81 -26.21
CA GLY A 102 -32.21 1.54 -25.74
C GLY A 102 -31.17 0.43 -25.78
N GLU A 103 -30.39 0.38 -26.85
CA GLU A 103 -29.35 -0.63 -26.97
C GLU A 103 -28.29 -0.47 -25.89
N PHE A 104 -27.89 0.78 -25.61
CA PHE A 104 -26.87 1.01 -24.59
C PHE A 104 -27.35 0.57 -23.21
N VAL A 105 -28.59 0.92 -22.86
CA VAL A 105 -29.12 0.55 -21.54
C VAL A 105 -29.21 -0.96 -21.42
N GLU A 106 -29.60 -1.64 -22.49
CA GLU A 106 -29.64 -3.09 -22.48
C GLU A 106 -28.25 -3.67 -22.25
N ALA A 107 -27.23 -3.07 -22.85
CA ALA A 107 -25.86 -3.53 -22.64
C ALA A 107 -25.43 -3.33 -21.19
N MET A 108 -25.86 -2.22 -20.57
CA MET A 108 -25.45 -1.93 -19.20
C MET A 108 -25.94 -3.01 -18.24
N ILE A 109 -27.19 -3.43 -18.38
CA ILE A 109 -27.73 -4.47 -17.51
C ILE A 109 -26.97 -5.77 -17.69
N ARG A 110 -26.71 -6.15 -18.95
CA ARG A 110 -25.91 -7.34 -19.21
C ARG A 110 -24.51 -7.19 -18.66
N GLN A 111 -23.93 -5.99 -18.79
CA GLN A 111 -22.65 -5.72 -18.13
C GLN A 111 -22.78 -5.79 -16.62
N LEU A 112 -23.85 -5.21 -16.08
CA LEU A 112 -24.06 -5.26 -14.63
C LEU A 112 -24.30 -6.68 -14.15
N LYS A 113 -25.12 -7.44 -14.88
CA LYS A 113 -25.47 -8.78 -14.42
C LYS A 113 -24.26 -9.69 -14.35
N GLU A 114 -23.39 -9.64 -15.38
CA GLU A 114 -22.22 -10.51 -15.38
C GLU A 114 -21.20 -10.08 -14.33
N SER A 115 -21.12 -8.79 -14.04
CA SER A 115 -20.19 -8.32 -13.01
C SER A 115 -20.58 -8.87 -11.64
N LEU A 116 -21.87 -8.88 -11.33
CA LEU A 116 -22.32 -9.48 -10.07
C LEU A 116 -22.02 -10.97 -10.04
N LYS A 117 -22.24 -11.66 -11.16
CA LYS A 117 -21.95 -13.09 -11.22
C LYS A 117 -20.46 -13.38 -11.09
N ALA A 118 -19.60 -12.41 -11.40
CA ALA A 118 -18.17 -12.56 -11.26
C ALA A 118 -17.68 -12.13 -9.89
N ASN A 119 -18.58 -11.79 -8.97
CA ASN A 119 -18.24 -11.34 -7.62
C ASN A 119 -17.37 -10.09 -7.64
N ASN A 120 -17.53 -9.27 -8.68
CA ASN A 120 -16.82 -8.00 -8.76
C ASN A 120 -17.75 -6.87 -8.35
N TYR A 121 -17.98 -6.80 -7.04
CA TYR A 121 -18.95 -5.85 -6.50
C TYR A 121 -18.42 -4.43 -6.42
N ASN A 122 -17.10 -4.24 -6.43
CA ASN A 122 -16.55 -2.90 -6.24
C ASN A 122 -16.96 -1.96 -7.35
N GLU A 123 -16.90 -2.42 -8.60
CA GLU A 123 -17.33 -1.58 -9.71
C GLU A 123 -18.80 -1.77 -10.06
N ALA A 124 -19.47 -2.77 -9.47
CA ALA A 124 -20.89 -2.93 -9.70
C ALA A 124 -21.66 -1.74 -9.15
N VAL A 125 -21.27 -1.25 -7.97
CA VAL A 125 -21.92 -0.07 -7.42
C VAL A 125 -21.65 1.16 -8.29
N TYR A 126 -20.53 1.17 -9.00
CA TYR A 126 -20.29 2.24 -9.95
C TYR A 126 -21.27 2.19 -11.11
N LEU A 127 -21.70 0.99 -11.51
CA LEU A 127 -22.66 0.86 -12.60
C LEU A 127 -24.04 1.33 -12.17
N VAL A 128 -24.49 0.94 -10.98
CA VAL A 128 -25.83 1.34 -10.55
C VAL A 128 -25.91 2.85 -10.36
N ARG A 129 -24.82 3.48 -9.91
CA ARG A 129 -24.78 4.94 -9.89
C ARG A 129 -24.94 5.50 -11.30
N PHE A 130 -24.24 4.91 -12.27
CA PHE A 130 -24.32 5.38 -13.64
C PHE A 130 -25.74 5.28 -14.19
N LEU A 131 -26.40 4.14 -13.93
CA LEU A 131 -27.79 4.00 -14.36
C LEU A 131 -28.69 4.99 -13.64
N SER A 132 -28.48 5.18 -12.34
CA SER A 132 -29.31 6.11 -11.59
C SER A 132 -29.15 7.54 -12.09
N ASP A 133 -27.92 7.92 -12.44
CA ASP A 133 -27.69 9.27 -12.96
C ASP A 133 -28.41 9.47 -14.29
N LEU A 134 -28.59 8.40 -15.07
CA LEU A 134 -29.27 8.52 -16.35
C LEU A 134 -30.73 8.96 -16.18
N VAL A 135 -31.30 8.81 -14.98
CA VAL A 135 -32.63 9.31 -14.73
C VAL A 135 -32.66 10.83 -14.89
N ASN A 136 -31.62 11.51 -14.43
CA ASN A 136 -31.54 12.96 -14.62
C ASN A 136 -31.47 13.32 -16.10
N CYS A 137 -30.71 12.56 -16.88
CA CYS A 137 -30.57 12.80 -18.30
C CYS A 137 -31.76 12.32 -19.11
N HIS A 138 -32.86 11.92 -18.45
CA HIS A 138 -34.09 11.47 -19.09
C HIS A 138 -33.91 10.25 -19.97
N VAL A 139 -32.74 9.60 -19.92
CA VAL A 139 -32.55 8.35 -20.65
C VAL A 139 -33.39 7.24 -20.03
N ILE A 140 -33.49 7.24 -18.70
CA ILE A 140 -34.14 6.17 -17.95
C ILE A 140 -35.42 6.72 -17.34
N ALA A 141 -36.53 6.02 -17.58
CA ALA A 141 -37.78 6.38 -16.93
C ALA A 141 -37.67 6.21 -15.42
N ALA A 142 -38.19 7.18 -14.69
CA ALA A 142 -38.10 7.13 -13.23
C ALA A 142 -38.75 5.89 -12.62
N PRO A 143 -39.97 5.48 -13.00
CA PRO A 143 -40.55 4.30 -12.34
C PRO A 143 -39.72 3.04 -12.49
N SER A 144 -39.08 2.84 -13.63
CA SER A 144 -38.26 1.64 -13.82
C SER A 144 -37.08 1.63 -12.87
N MET A 145 -36.43 2.77 -12.67
CA MET A 145 -35.31 2.85 -11.73
C MET A 145 -35.79 2.56 -10.31
N VAL A 146 -36.94 3.12 -9.92
CA VAL A 146 -37.49 2.82 -8.60
C VAL A 146 -37.81 1.35 -8.47
N ALA A 147 -38.33 0.74 -9.55
CA ALA A 147 -38.62 -0.69 -9.52
C ALA A 147 -37.36 -1.51 -9.29
N MET A 148 -36.25 -1.10 -9.90
CA MET A 148 -34.98 -1.79 -9.67
C MET A 148 -34.55 -1.68 -8.21
N PHE A 149 -34.69 -0.49 -7.63
CA PHE A 149 -34.28 -0.31 -6.24
C PHE A 149 -35.12 -1.12 -5.28
N GLU A 150 -36.37 -1.43 -5.65
CA GLU A 150 -37.19 -2.28 -4.81
C GLU A 150 -36.56 -3.66 -4.66
N ASN A 151 -36.05 -4.23 -5.75
CA ASN A 151 -35.38 -5.52 -5.67
C ASN A 151 -34.07 -5.41 -4.88
N PHE A 152 -33.35 -4.29 -5.03
CA PHE A 152 -32.12 -4.11 -4.28
C PHE A 152 -32.38 -4.10 -2.78
N VAL A 153 -33.43 -3.40 -2.34
CA VAL A 153 -33.78 -3.40 -0.93
C VAL A 153 -34.39 -4.74 -0.52
N SER A 154 -35.08 -5.41 -1.44
CA SER A 154 -35.74 -6.67 -1.09
C SER A 154 -34.74 -7.75 -0.70
N VAL A 155 -33.46 -7.57 -1.00
CA VAL A 155 -32.44 -8.53 -0.59
C VAL A 155 -32.42 -8.66 0.93
N THR A 156 -32.77 -7.59 1.65
CA THR A 156 -32.77 -7.64 3.10
C THR A 156 -33.78 -8.63 3.65
N GLN A 157 -34.75 -9.05 2.83
CA GLN A 157 -35.76 -10.01 3.29
C GLN A 157 -35.34 -11.45 3.05
N GLU A 158 -34.24 -11.68 2.35
CA GLU A 158 -33.75 -13.04 2.15
C GLU A 158 -33.24 -13.62 3.48
N GLU A 159 -33.49 -14.91 3.68
CA GLU A 159 -33.08 -15.59 4.90
C GLU A 159 -31.95 -16.56 4.60
N ASP A 160 -31.21 -16.92 5.66
CA ASP A 160 -30.07 -17.83 5.56
C ASP A 160 -29.07 -17.34 4.52
N VAL A 161 -28.83 -16.03 4.51
CA VAL A 161 -27.88 -15.41 3.60
C VAL A 161 -26.99 -14.51 4.45
N PRO A 162 -25.68 -14.43 4.17
CA PRO A 162 -24.80 -13.62 5.01
C PRO A 162 -25.25 -12.18 5.09
N GLN A 163 -25.13 -11.60 6.28
CA GLN A 163 -25.53 -10.22 6.50
C GLN A 163 -24.66 -9.24 5.71
N VAL A 164 -23.46 -9.66 5.31
CA VAL A 164 -22.60 -8.79 4.52
C VAL A 164 -23.22 -8.51 3.16
N ARG A 165 -23.82 -9.53 2.53
CA ARG A 165 -24.47 -9.34 1.24
C ARG A 165 -25.65 -8.37 1.37
N ARG A 166 -26.43 -8.51 2.44
CA ARG A 166 -27.54 -7.59 2.66
C ARG A 166 -27.07 -6.15 2.77
N ASP A 167 -25.90 -5.95 3.38
CA ASP A 167 -25.37 -4.59 3.50
C ASP A 167 -25.04 -3.99 2.13
N TRP A 168 -24.43 -4.77 1.25
CA TRP A 168 -23.96 -4.23 -0.02
C TRP A 168 -25.13 -3.72 -0.87
N TYR A 169 -26.20 -4.51 -0.97
CA TYR A 169 -27.34 -4.10 -1.78
C TYR A 169 -27.98 -2.84 -1.21
N VAL A 170 -28.12 -2.77 0.12
CA VAL A 170 -28.61 -1.54 0.73
C VAL A 170 -27.64 -0.40 0.49
N TYR A 171 -26.34 -0.68 0.56
CA TYR A 171 -25.35 0.36 0.31
C TYR A 171 -25.42 0.86 -1.12
N ALA A 172 -25.64 -0.04 -2.08
CA ALA A 172 -25.73 0.37 -3.47
C ALA A 172 -26.89 1.34 -3.68
N PHE A 173 -28.04 1.06 -3.07
CA PHE A 173 -29.18 1.97 -3.19
C PHE A 173 -28.88 3.32 -2.53
N LEU A 174 -28.31 3.29 -1.33
CA LEU A 174 -28.05 4.54 -0.62
C LEU A 174 -26.94 5.34 -1.30
N SER A 175 -25.94 4.67 -1.85
CA SER A 175 -24.81 5.38 -2.44
C SER A 175 -25.23 6.20 -3.65
N SER A 176 -26.17 5.69 -4.44
CA SER A 176 -26.58 6.36 -5.67
C SER A 176 -27.65 7.43 -5.44
N LEU A 177 -28.14 7.57 -4.21
CA LEU A 177 -29.18 8.56 -3.96
C LEU A 177 -28.74 9.99 -4.25
N PRO A 178 -27.57 10.47 -3.81
CA PRO A 178 -27.25 11.90 -4.02
C PRO A 178 -27.33 12.34 -5.47
N TRP A 179 -26.93 11.49 -6.41
CA TRP A 179 -27.04 11.84 -7.82
C TRP A 179 -28.50 11.92 -8.25
N VAL A 180 -29.34 11.01 -7.76
CA VAL A 180 -30.71 10.88 -8.23
C VAL A 180 -31.72 11.18 -7.12
N GLY A 181 -31.29 11.93 -6.10
CA GLY A 181 -32.16 12.20 -4.97
C GLY A 181 -33.43 12.96 -5.30
N LYS A 182 -33.29 14.23 -5.70
CA LYS A 182 -34.46 15.08 -5.86
C LYS A 182 -35.36 14.60 -7.00
N GLU A 183 -34.77 14.36 -8.18
CA GLU A 183 -35.58 14.06 -9.35
C GLU A 183 -36.38 12.78 -9.17
N LEU A 184 -35.75 11.74 -8.64
CA LEU A 184 -36.45 10.48 -8.46
C LEU A 184 -37.45 10.54 -7.32
N TYR A 185 -37.15 11.32 -6.28
CA TYR A 185 -38.05 11.38 -5.13
C TYR A 185 -39.38 12.05 -5.49
N GLU A 186 -39.32 13.14 -6.25
CA GLU A 186 -40.56 13.86 -6.58
C GLU A 186 -41.42 13.07 -7.56
N LYS A 187 -40.81 12.29 -8.45
CA LYS A 187 -41.59 11.51 -9.40
C LYS A 187 -42.40 10.43 -8.69
N LYS A 188 -41.76 9.64 -7.83
CA LYS A 188 -42.41 8.56 -7.10
C LYS A 188 -41.97 8.64 -5.65
N ASP A 189 -42.69 9.41 -4.84
CA ASP A 189 -42.35 9.56 -3.43
C ASP A 189 -42.99 8.48 -2.56
N ALA A 190 -44.17 7.98 -2.95
CA ALA A 190 -44.83 6.96 -2.14
C ALA A 190 -44.00 5.70 -2.06
N GLU A 191 -43.41 5.28 -3.18
CA GLU A 191 -42.57 4.08 -3.17
C GLU A 191 -41.31 4.30 -2.35
N MET A 192 -40.72 5.49 -2.43
CA MET A 192 -39.48 5.76 -1.71
C MET A 192 -39.69 5.66 -0.21
N ASP A 193 -40.81 6.19 0.29
CA ASP A 193 -41.09 6.07 1.72
C ASP A 193 -41.20 4.62 2.14
N ARG A 194 -41.87 3.79 1.34
CA ARG A 194 -41.88 2.36 1.63
C ARG A 194 -40.49 1.76 1.49
N ILE A 195 -39.73 2.21 0.48
CA ILE A 195 -38.34 1.77 0.36
C ILE A 195 -37.53 2.24 1.56
N PHE A 196 -37.70 3.50 1.96
CA PHE A 196 -36.97 4.00 3.11
C PHE A 196 -37.36 3.29 4.39
N ALA A 197 -38.62 2.90 4.53
CA ALA A 197 -39.05 2.20 5.74
C ALA A 197 -38.32 0.87 5.88
N ASN A 198 -38.15 0.13 4.79
CA ASN A 198 -37.50 -1.17 4.87
C ASN A 198 -36.02 -1.03 5.21
N THR A 199 -35.31 -0.13 4.51
CA THR A 199 -33.87 -0.01 4.76
C THR A 199 -33.60 0.57 6.14
N GLU A 200 -34.43 1.51 6.60
CA GLU A 200 -34.26 2.03 7.96
C GLU A 200 -34.49 0.92 8.98
N SER A 201 -35.49 0.07 8.75
CA SER A 201 -35.73 -1.04 9.66
C SER A 201 -34.56 -2.01 9.67
N TYR A 202 -33.98 -2.27 8.49
CA TYR A 202 -32.86 -3.20 8.41
C TYR A 202 -31.65 -2.68 9.19
N LEU A 203 -31.35 -1.39 9.07
CA LEU A 203 -30.20 -0.83 9.76
C LEU A 203 -30.33 -0.91 11.27
N LYS A 204 -31.57 -0.94 11.79
CA LYS A 204 -31.76 -1.03 13.24
C LYS A 204 -31.25 -2.36 13.78
N ARG A 205 -31.45 -3.45 13.05
CA ARG A 205 -31.16 -4.79 13.55
C ARG A 205 -29.90 -5.39 12.93
N ARG A 206 -28.94 -4.55 12.53
CA ARG A 206 -27.68 -5.06 12.03
C ARG A 206 -26.71 -5.32 13.18
N GLN A 207 -25.71 -6.17 12.90
CA GLN A 207 -24.73 -6.56 13.91
C GLN A 207 -23.56 -5.58 13.88
N LYS A 208 -23.28 -4.97 15.03
CA LYS A 208 -22.18 -4.03 15.17
C LYS A 208 -20.93 -4.66 15.75
N THR A 209 -20.90 -5.99 15.84
CA THR A 209 -19.79 -6.67 16.50
C THR A 209 -18.45 -6.42 15.82
N HIS A 210 -18.46 -6.04 14.55
CA HIS A 210 -17.22 -5.78 13.84
C HIS A 210 -16.75 -4.34 13.92
N VAL A 211 -17.54 -3.45 14.52
CA VAL A 211 -17.17 -2.05 14.65
C VAL A 211 -15.91 -1.89 15.51
N PRO A 212 -15.83 -2.49 16.71
CA PRO A 212 -14.64 -2.24 17.55
C PRO A 212 -13.36 -2.78 16.95
N MET A 213 -13.44 -3.69 15.98
CA MET A 213 -12.25 -4.23 15.33
C MET A 213 -11.78 -3.37 14.17
N LEU A 214 -12.51 -2.32 13.82
CA LEU A 214 -12.20 -1.51 12.65
C LEU A 214 -12.05 -0.02 12.91
N GLN A 215 -12.66 0.53 13.95
CA GLN A 215 -12.48 1.94 14.22
C GLN A 215 -11.04 2.20 14.66
N VAL A 216 -10.41 3.20 14.04
CA VAL A 216 -9.01 3.48 14.34
C VAL A 216 -8.85 3.98 15.76
N TRP A 217 -9.70 4.92 16.17
CA TRP A 217 -9.69 5.47 17.52
C TRP A 217 -10.92 4.97 18.26
N THR A 218 -10.70 4.31 19.40
CA THR A 218 -11.83 3.81 20.18
C THR A 218 -12.58 4.96 20.86
N ALA A 219 -11.87 6.00 21.26
CA ALA A 219 -12.53 7.13 21.90
C ALA A 219 -13.44 7.87 20.93
N ASP A 220 -14.51 8.44 21.46
CA ASP A 220 -15.50 9.13 20.65
C ASP A 220 -15.53 10.63 20.87
N LYS A 221 -14.78 11.15 21.84
CA LYS A 221 -14.88 12.57 22.18
C LYS A 221 -14.47 13.50 21.04
N PRO A 222 -13.29 13.37 20.42
CA PRO A 222 -12.94 14.31 19.34
C PRO A 222 -13.82 14.14 18.12
N HIS A 223 -13.86 12.92 17.57
CA HIS A 223 -14.65 12.59 16.40
C HIS A 223 -14.95 11.09 16.41
N PRO A 224 -16.21 10.69 16.58
CA PRO A 224 -16.53 9.26 16.58
C PRO A 224 -16.31 8.65 15.20
N GLN A 225 -15.91 7.38 15.21
CA GLN A 225 -15.82 6.57 14.00
C GLN A 225 -16.96 5.56 14.02
N GLU A 226 -17.82 5.61 13.01
CA GLU A 226 -18.99 4.75 12.95
C GLU A 226 -19.00 3.97 11.65
N GLU A 227 -19.81 2.91 11.62
CA GLU A 227 -19.89 2.05 10.45
C GLU A 227 -20.39 2.85 9.25
N TYR A 228 -19.96 2.42 8.05
CA TYR A 228 -20.23 3.19 6.85
C TYR A 228 -21.72 3.33 6.61
N LEU A 229 -22.49 2.27 6.82
CA LEU A 229 -23.93 2.35 6.61
C LEU A 229 -24.57 3.34 7.58
N ASP A 230 -24.17 3.33 8.85
CA ASP A 230 -24.74 4.27 9.80
C ASP A 230 -24.40 5.70 9.43
N CYS A 231 -23.14 5.96 9.06
CA CYS A 231 -22.76 7.30 8.65
C CYS A 231 -23.47 7.71 7.36
N LEU A 232 -23.53 6.80 6.39
CA LEU A 232 -24.20 7.12 5.13
C LEU A 232 -25.68 7.39 5.35
N TRP A 233 -26.33 6.58 6.19
CA TRP A 233 -27.74 6.78 6.47
C TRP A 233 -28.00 8.13 7.12
N ALA A 234 -27.14 8.52 8.06
CA ALA A 234 -27.30 9.82 8.70
C ALA A 234 -27.16 10.95 7.70
N GLN A 235 -26.21 10.83 6.78
CA GLN A 235 -26.04 11.84 5.74
C GLN A 235 -27.27 11.93 4.85
N ILE A 236 -27.85 10.78 4.48
CA ILE A 236 -29.03 10.78 3.62
C ILE A 236 -30.20 11.43 4.35
N GLN A 237 -30.33 11.19 5.65
CA GLN A 237 -31.41 11.79 6.41
C GLN A 237 -31.34 13.31 6.36
N LYS A 238 -30.13 13.88 6.50
CA LYS A 238 -29.98 15.32 6.39
C LYS A 238 -30.34 15.79 4.98
N LEU A 239 -29.90 15.06 3.96
CA LEU A 239 -30.24 15.43 2.59
C LEU A 239 -31.74 15.37 2.36
N LYS A 240 -32.41 14.37 2.94
CA LYS A 240 -33.86 14.29 2.83
C LYS A 240 -34.53 15.43 3.59
N LYS A 241 -33.87 15.96 4.61
CA LYS A 241 -34.49 16.99 5.45
C LYS A 241 -34.65 18.31 4.69
N ASP A 242 -33.77 18.61 3.75
CA ASP A 242 -33.77 19.87 3.03
C ASP A 242 -34.06 19.69 1.54
N ARG A 243 -35.05 18.84 1.23
CA ARG A 243 -35.58 18.69 -0.14
C ARG A 243 -34.49 18.28 -1.13
N TRP A 244 -33.58 17.43 -0.68
CA TRP A 244 -32.57 16.83 -1.55
C TRP A 244 -31.75 17.88 -2.29
N GLN A 245 -31.44 18.97 -1.60
CA GLN A 245 -30.65 20.06 -2.18
C GLN A 245 -29.20 19.89 -1.78
N GLU A 246 -28.36 19.49 -2.73
CA GLU A 246 -26.94 19.34 -2.53
C GLU A 246 -26.20 20.36 -3.39
N ARG A 247 -25.04 20.80 -2.91
CA ARG A 247 -24.32 21.90 -3.52
C ARG A 247 -23.01 21.51 -4.19
N HIS A 248 -22.28 20.56 -3.61
CA HIS A 248 -20.95 20.26 -4.13
C HIS A 248 -20.99 19.66 -5.53
N ILE A 249 -21.93 18.75 -5.77
CA ILE A 249 -21.93 17.99 -7.02
C ILE A 249 -22.18 18.93 -8.20
N LEU A 250 -21.64 18.56 -9.36
CA LEU A 250 -21.82 19.31 -10.58
C LEU A 250 -22.68 18.50 -11.54
N ARG A 251 -23.58 19.18 -12.24
CA ARG A 251 -24.55 18.54 -13.13
C ARG A 251 -24.52 19.23 -14.48
N PRO A 252 -23.67 18.77 -15.40
CA PRO A 252 -23.61 19.40 -16.73
C PRO A 252 -24.92 19.36 -17.49
N TYR A 253 -25.76 18.36 -17.25
CA TYR A 253 -27.00 18.24 -18.00
C TYR A 253 -27.97 19.37 -17.72
N LEU A 254 -27.76 20.14 -16.65
CA LEU A 254 -28.63 21.27 -16.38
C LEU A 254 -28.54 22.30 -17.49
N ALA A 255 -27.34 22.50 -18.05
CA ALA A 255 -27.20 23.43 -19.17
C ALA A 255 -27.99 22.95 -20.38
N PHE A 256 -27.95 21.65 -20.66
CA PHE A 256 -28.72 21.10 -21.76
C PHE A 256 -30.14 20.77 -21.32
N ASP A 257 -30.82 21.75 -20.72
CA ASP A 257 -32.17 21.50 -20.23
C ASP A 257 -33.16 21.38 -21.38
N SER A 258 -33.07 22.27 -22.37
CA SER A 258 -34.05 22.27 -23.45
C SER A 258 -33.95 21.00 -24.29
N ILE A 259 -32.73 20.54 -24.57
CA ILE A 259 -32.56 19.40 -25.46
C ILE A 259 -33.08 18.12 -24.81
N LEU A 260 -32.72 17.89 -23.55
CA LEU A 260 -33.05 16.64 -22.89
C LEU A 260 -34.54 16.53 -22.51
N CYS A 261 -35.28 17.64 -22.55
CA CYS A 261 -36.69 17.59 -22.17
C CYS A 261 -37.49 16.70 -23.12
N GLU A 262 -37.23 16.80 -24.41
CA GLU A 262 -37.98 16.05 -25.40
C GLU A 262 -37.45 14.64 -25.63
N ALA A 263 -36.36 14.27 -24.98
CA ALA A 263 -35.82 12.93 -25.12
C ALA A 263 -36.79 11.90 -24.55
N LEU A 264 -36.86 10.74 -25.20
CA LEU A 264 -37.76 9.67 -24.77
C LEU A 264 -37.03 8.75 -23.79
N GLN A 265 -37.71 8.42 -22.70
CA GLN A 265 -37.12 7.58 -21.68
C GLN A 265 -37.08 6.13 -22.13
N HIS A 266 -36.31 5.32 -21.40
CA HIS A 266 -36.28 3.88 -21.58
C HIS A 266 -36.59 3.21 -20.25
N ASN A 267 -37.25 2.05 -20.33
CA ASN A 267 -37.66 1.31 -19.15
C ASN A 267 -36.74 0.12 -18.94
N LEU A 268 -36.19 0.00 -17.73
CA LEU A 268 -35.31 -1.11 -17.43
C LEU A 268 -36.07 -2.43 -17.38
N PRO A 269 -35.43 -3.53 -17.75
CA PRO A 269 -36.03 -4.84 -17.57
C PRO A 269 -36.17 -5.15 -16.10
N PRO A 270 -37.08 -6.06 -15.73
CA PRO A 270 -37.25 -6.39 -14.30
C PRO A 270 -36.06 -7.16 -13.76
N PHE A 271 -35.00 -6.43 -13.41
CA PHE A 271 -33.78 -7.04 -12.92
C PHE A 271 -34.01 -7.74 -11.58
N THR A 272 -33.40 -8.91 -11.42
CA THR A 272 -33.44 -9.65 -10.18
C THR A 272 -32.02 -9.95 -9.75
N PRO A 273 -31.67 -9.72 -8.48
CA PRO A 273 -30.30 -9.98 -8.02
C PRO A 273 -29.97 -11.46 -8.14
N PRO A 274 -28.73 -11.80 -8.46
CA PRO A 274 -28.34 -13.20 -8.58
C PRO A 274 -28.50 -13.92 -7.25
N PRO A 275 -28.92 -15.18 -7.26
CA PRO A 275 -29.08 -15.93 -6.02
C PRO A 275 -27.75 -16.14 -5.32
N HIS A 276 -27.81 -16.23 -4.00
CA HIS A 276 -26.60 -16.45 -3.21
C HIS A 276 -26.00 -17.81 -3.50
N THR A 277 -24.67 -17.86 -3.59
CA THR A 277 -23.94 -19.09 -3.84
C THR A 277 -22.79 -19.20 -2.86
N GLU A 278 -22.34 -20.44 -2.64
CA GLU A 278 -21.27 -20.68 -1.68
C GLU A 278 -19.98 -19.97 -2.10
N ASP A 279 -19.65 -20.01 -3.39
CA ASP A 279 -18.42 -19.39 -3.87
C ASP A 279 -18.53 -17.87 -3.99
N SER A 280 -19.72 -17.30 -3.83
CA SER A 280 -19.87 -15.86 -3.91
C SER A 280 -19.12 -15.17 -2.77
N VAL A 281 -18.50 -14.04 -3.06
CA VAL A 281 -17.72 -13.28 -2.10
C VAL A 281 -18.22 -11.85 -2.09
N TYR A 282 -18.37 -11.28 -0.89
CA TYR A 282 -18.89 -9.94 -0.74
C TYR A 282 -17.88 -9.05 -0.03
N PRO A 283 -17.84 -7.76 -0.36
CA PRO A 283 -16.82 -6.88 0.23
C PRO A 283 -16.99 -6.73 1.73
N MET A 284 -15.87 -6.58 2.42
CA MET A 284 -15.87 -6.49 3.87
C MET A 284 -16.47 -5.16 4.32
N PRO A 285 -17.10 -5.13 5.49
CA PRO A 285 -17.65 -3.88 5.99
C PRO A 285 -16.55 -2.89 6.35
N ARG A 286 -16.90 -1.61 6.29
CA ARG A 286 -15.94 -0.53 6.48
C ARG A 286 -16.43 0.43 7.55
N VAL A 287 -15.51 1.24 8.04
CA VAL A 287 -15.80 2.31 8.98
C VAL A 287 -15.22 3.61 8.41
N ILE A 288 -16.04 4.66 8.38
CA ILE A 288 -15.60 5.90 7.76
C ILE A 288 -14.59 6.58 8.66
N PHE A 289 -13.46 6.99 8.07
CA PHE A 289 -12.35 7.59 8.80
C PHE A 289 -12.58 9.10 8.87
N ARG A 290 -12.79 9.62 10.08
CA ARG A 290 -13.09 11.03 10.29
C ARG A 290 -12.07 11.63 11.25
N MET A 291 -11.41 12.68 10.81
CA MET A 291 -10.35 13.32 11.58
C MET A 291 -10.51 14.83 11.70
N PHE A 292 -10.97 15.49 10.65
CA PHE A 292 -11.00 16.95 10.60
C PHE A 292 -12.36 17.50 10.99
N ASP A 293 -12.39 18.82 11.17
CA ASP A 293 -13.61 19.53 11.50
C ASP A 293 -13.52 20.94 10.91
N TYR A 294 -14.68 21.58 10.77
CA TYR A 294 -14.70 22.92 10.18
C TYR A 294 -13.94 23.92 11.03
N THR A 295 -13.84 23.67 12.34
CA THR A 295 -13.07 24.55 13.21
C THR A 295 -11.57 24.45 12.98
N ASP A 296 -11.10 23.46 12.23
CA ASP A 296 -9.68 23.30 11.97
C ASP A 296 -9.17 24.22 10.87
N ASP A 297 -10.06 24.84 10.09
CA ASP A 297 -9.68 25.82 9.07
C ASP A 297 -10.60 27.02 9.22
N PRO A 298 -10.27 27.94 10.12
CA PRO A 298 -11.17 29.05 10.41
C PRO A 298 -11.33 30.02 9.24
N GLU A 299 -10.22 30.44 8.63
CA GLU A 299 -10.27 31.46 7.60
C GLU A 299 -10.63 30.91 6.22
N GLY A 300 -10.56 29.59 6.03
CA GLY A 300 -10.86 29.02 4.73
C GLY A 300 -12.34 28.82 4.52
N PRO A 301 -12.68 28.27 3.36
CA PRO A 301 -14.09 27.95 3.08
C PRO A 301 -14.64 26.95 4.10
N VAL A 302 -15.90 27.13 4.45
CA VAL A 302 -16.53 26.27 5.47
C VAL A 302 -16.68 24.88 4.89
N MET A 303 -15.88 23.94 5.37
CA MET A 303 -15.94 22.58 4.87
C MET A 303 -17.23 21.90 5.31
N PRO A 304 -17.71 20.92 4.54
CA PRO A 304 -18.95 20.24 4.91
C PRO A 304 -18.82 19.52 6.24
N GLY A 305 -19.94 19.44 6.96
CA GLY A 305 -19.95 18.79 8.25
C GLY A 305 -19.75 17.30 8.15
N SER A 306 -19.61 16.67 9.31
CA SER A 306 -19.36 15.23 9.35
C SER A 306 -20.53 14.45 8.77
N HIS A 307 -21.75 14.77 9.20
CA HIS A 307 -22.95 14.12 8.68
C HIS A 307 -23.57 14.94 7.56
N SER A 308 -22.78 15.20 6.52
CA SER A 308 -23.23 15.98 5.37
C SER A 308 -22.99 15.16 4.12
N VAL A 309 -24.02 15.07 3.26
CA VAL A 309 -23.92 14.23 2.06
C VAL A 309 -22.81 14.73 1.16
N GLU A 310 -22.63 16.05 1.07
CA GLU A 310 -21.57 16.60 0.23
C GLU A 310 -20.18 16.15 0.71
N ARG A 311 -20.03 15.89 2.01
CA ARG A 311 -18.77 15.34 2.49
C ARG A 311 -18.54 13.95 1.93
N PHE A 312 -19.58 13.12 1.87
CA PHE A 312 -19.43 11.75 1.40
C PHE A 312 -19.01 11.71 -0.06
N VAL A 313 -19.65 12.52 -0.91
CA VAL A 313 -19.33 12.48 -2.33
C VAL A 313 -17.91 12.99 -2.59
N ILE A 314 -17.46 13.98 -1.82
CA ILE A 314 -16.10 14.49 -1.98
C ILE A 314 -15.08 13.39 -1.72
N GLU A 315 -15.24 12.68 -0.61
CA GLU A 315 -14.33 11.58 -0.31
C GLU A 315 -14.48 10.46 -1.33
N GLU A 316 -15.70 10.18 -1.76
CA GLU A 316 -15.93 9.10 -2.72
C GLU A 316 -15.23 9.38 -4.04
N ASN A 317 -15.34 10.62 -4.55
CA ASN A 317 -14.65 10.97 -5.79
C ASN A 317 -13.14 10.91 -5.60
N LEU A 318 -12.64 11.44 -4.49
CA LEU A 318 -11.20 11.46 -4.26
C LEU A 318 -10.63 10.06 -4.13
N HIS A 319 -11.37 9.16 -3.49
CA HIS A 319 -10.92 7.77 -3.40
C HIS A 319 -10.81 7.15 -4.79
N CYS A 320 -11.78 7.42 -5.67
CA CYS A 320 -11.71 6.90 -7.02
C CYS A 320 -10.57 7.53 -7.81
N ILE A 321 -10.24 8.79 -7.52
CA ILE A 321 -9.08 9.42 -8.15
C ILE A 321 -7.81 8.66 -7.79
N ILE A 322 -7.66 8.31 -6.51
CA ILE A 322 -6.52 7.50 -6.08
C ILE A 322 -6.56 6.14 -6.75
N LYS A 323 -7.74 5.52 -6.78
CA LYS A 323 -7.88 4.19 -7.37
C LYS A 323 -7.54 4.21 -8.85
N SER A 324 -7.98 5.24 -9.56
CA SER A 324 -7.80 5.26 -11.02
C SER A 324 -6.33 5.41 -11.40
N HIS A 325 -5.60 6.30 -10.72
CA HIS A 325 -4.24 6.64 -11.09
C HIS A 325 -3.23 6.26 -10.02
N TRP A 326 -3.46 5.15 -9.31
CA TRP A 326 -2.54 4.77 -8.25
C TRP A 326 -1.16 4.41 -8.79
N LYS A 327 -1.09 3.97 -10.04
CA LYS A 327 0.20 3.60 -10.61
C LYS A 327 1.10 4.82 -10.81
N GLU A 328 0.54 5.92 -11.31
CA GLU A 328 1.30 7.13 -11.61
C GLU A 328 1.07 8.14 -10.50
N ARG A 329 2.07 8.31 -9.65
CA ARG A 329 1.94 9.27 -8.54
C ARG A 329 1.87 10.70 -9.07
N LYS A 330 2.67 11.03 -10.09
CA LYS A 330 2.66 12.38 -10.63
C LYS A 330 1.30 12.74 -11.20
N THR A 331 0.74 11.88 -12.05
CA THR A 331 -0.58 12.14 -12.61
C THR A 331 -1.65 12.13 -11.52
N CYS A 332 -1.55 11.19 -10.57
CA CYS A 332 -2.53 11.14 -9.49
C CYS A 332 -2.50 12.41 -8.66
N ALA A 333 -1.31 12.92 -8.36
CA ALA A 333 -1.20 14.12 -7.54
C ALA A 333 -1.86 15.31 -8.22
N ALA A 334 -1.62 15.48 -9.53
CA ALA A 334 -2.21 16.61 -10.24
C ALA A 334 -3.72 16.50 -10.31
N GLN A 335 -4.23 15.30 -10.55
CA GLN A 335 -5.66 15.14 -10.81
C GLN A 335 -6.50 15.55 -9.61
N LEU A 336 -6.13 15.09 -8.41
CA LEU A 336 -6.94 15.40 -7.24
C LEU A 336 -6.79 16.87 -6.85
N VAL A 337 -5.65 17.48 -7.15
CA VAL A 337 -5.50 18.92 -6.93
C VAL A 337 -6.38 19.68 -7.92
N SER A 338 -6.42 19.23 -9.17
CA SER A 338 -7.28 19.85 -10.18
C SER A 338 -8.67 19.22 -10.11
N TYR A 339 -9.23 19.25 -8.92
CA TYR A 339 -10.55 18.69 -8.67
C TYR A 339 -11.61 19.74 -8.94
N PRO A 340 -12.62 19.42 -9.76
CA PRO A 340 -13.66 20.40 -10.06
C PRO A 340 -14.38 20.87 -8.81
N GLY A 341 -14.76 22.14 -8.81
CA GLY A 341 -15.36 22.75 -7.64
C GLY A 341 -14.41 22.88 -6.47
N LYS A 342 -13.14 23.17 -6.75
CA LYS A 342 -12.14 23.31 -5.69
C LYS A 342 -12.27 24.61 -4.92
N ASN A 343 -12.95 25.61 -5.48
CA ASN A 343 -13.10 26.88 -4.79
C ASN A 343 -14.12 26.82 -3.67
N LYS A 344 -15.17 26.01 -3.83
CA LYS A 344 -16.21 25.93 -2.81
C LYS A 344 -15.72 25.20 -1.57
N ILE A 345 -14.77 24.28 -1.72
CA ILE A 345 -14.38 23.39 -0.63
C ILE A 345 -12.90 23.57 -0.33
N PRO A 346 -12.48 23.60 0.93
CA PRO A 346 -11.05 23.63 1.22
C PRO A 346 -10.40 22.31 0.82
N LEU A 347 -9.63 22.34 -0.27
CA LEU A 347 -9.13 21.09 -0.85
C LEU A 347 -8.02 20.48 0.01
N ASN A 348 -7.17 21.32 0.60
CA ASN A 348 -6.01 20.80 1.32
C ASN A 348 -6.43 19.93 2.50
N TYR A 349 -7.42 20.38 3.27
CA TYR A 349 -7.87 19.59 4.41
C TYR A 349 -8.52 18.28 3.95
N HIS A 350 -9.35 18.34 2.90
CA HIS A 350 -10.02 17.14 2.43
C HIS A 350 -9.03 16.13 1.88
N ILE A 351 -8.04 16.58 1.10
CA ILE A 351 -7.13 15.65 0.46
C ILE A 351 -6.24 14.96 1.50
N VAL A 352 -5.86 15.68 2.55
CA VAL A 352 -5.09 15.06 3.62
C VAL A 352 -5.91 13.99 4.33
N GLU A 353 -7.19 14.28 4.59
CA GLU A 353 -8.05 13.32 5.27
C GLU A 353 -8.22 12.05 4.44
N VAL A 354 -8.37 12.20 3.13
CA VAL A 354 -8.59 11.04 2.28
C VAL A 354 -7.37 10.13 2.27
N ILE A 355 -6.17 10.71 2.17
CA ILE A 355 -4.95 9.90 2.13
C ILE A 355 -4.81 9.10 3.42
N PHE A 356 -5.00 9.76 4.56
CA PHE A 356 -4.92 9.07 5.83
C PHE A 356 -6.05 8.06 6.00
N ALA A 357 -7.19 8.29 5.35
CA ALA A 357 -8.27 7.33 5.41
C ALA A 357 -7.87 6.01 4.78
N GLU A 358 -7.18 6.05 3.64
CA GLU A 358 -6.73 4.83 3.00
C GLU A 358 -5.53 4.22 3.71
N LEU A 359 -4.64 5.07 4.25
CA LEU A 359 -3.47 4.54 4.94
C LEU A 359 -3.88 3.77 6.19
N PHE A 360 -4.88 4.26 6.91
CA PHE A 360 -5.31 3.64 8.15
C PHE A 360 -6.46 2.66 7.94
N GLN A 361 -6.82 2.34 6.70
CA GLN A 361 -7.83 1.33 6.45
C GLN A 361 -7.26 -0.04 6.80
N LEU A 362 -7.47 -0.46 8.04
CA LEU A 362 -6.72 -1.55 8.65
C LEU A 362 -7.00 -2.95 8.09
N PRO A 363 -8.21 -3.29 7.62
CA PRO A 363 -8.37 -4.63 7.03
C PRO A 363 -7.39 -4.89 5.91
N ALA A 364 -7.18 -3.89 5.06
CA ALA A 364 -6.10 -3.85 4.07
C ALA A 364 -6.08 -2.47 3.45
N PRO A 365 -4.92 -1.83 3.35
CA PRO A 365 -4.82 -0.60 2.56
C PRO A 365 -5.18 -0.88 1.11
N PRO A 366 -5.87 0.04 0.44
CA PRO A 366 -6.27 -0.22 -0.95
C PRO A 366 -5.10 -0.48 -1.87
N HIS A 367 -3.93 0.09 -1.58
CA HIS A 367 -2.74 -0.15 -2.38
C HIS A 367 -1.57 -0.35 -1.42
N ILE A 368 -0.35 -0.33 -1.96
CA ILE A 368 0.82 -0.50 -1.12
C ILE A 368 0.93 0.67 -0.13
N ASP A 369 1.47 0.38 1.04
CA ASP A 369 1.57 1.41 2.09
C ASP A 369 2.49 2.55 1.67
N VAL A 370 3.60 2.23 1.01
CA VAL A 370 4.60 3.24 0.70
C VAL A 370 4.08 4.27 -0.30
N MET A 371 3.03 3.95 -1.06
CA MET A 371 2.53 4.89 -2.05
C MET A 371 2.04 6.17 -1.39
N TYR A 372 1.34 6.05 -0.27
CA TYR A 372 0.78 7.23 0.38
C TYR A 372 1.86 8.16 0.90
N THR A 373 2.97 7.60 1.40
CA THR A 373 4.07 8.44 1.87
C THR A 373 4.64 9.27 0.73
N THR A 374 4.83 8.66 -0.44
CA THR A 374 5.36 9.40 -1.58
C THR A 374 4.32 10.32 -2.20
N LEU A 375 3.05 9.93 -2.16
CA LEU A 375 2.01 10.76 -2.76
C LEU A 375 1.92 12.12 -2.06
N LEU A 376 2.00 12.12 -0.73
CA LEU A 376 1.98 13.38 0.00
C LEU A 376 3.21 14.22 -0.33
N ILE A 377 4.33 13.60 -0.67
CA ILE A 377 5.51 14.36 -1.08
C ILE A 377 5.22 15.13 -2.36
N GLU A 378 4.59 14.47 -3.34
CA GLU A 378 4.24 15.15 -4.58
C GLU A 378 3.23 16.26 -4.33
N LEU A 379 2.24 16.01 -3.48
CA LEU A 379 1.27 17.05 -3.15
C LEU A 379 1.92 18.20 -2.42
N CYS A 380 2.86 17.92 -1.52
CA CYS A 380 3.53 18.98 -0.77
C CYS A 380 4.30 19.90 -1.71
N LYS A 381 5.00 19.34 -2.70
CA LYS A 381 5.77 20.16 -3.62
C LYS A 381 4.88 20.79 -4.70
N LEU A 382 3.64 20.34 -4.83
CA LEU A 382 2.76 20.89 -5.85
C LEU A 382 1.86 21.99 -5.32
N GLN A 383 1.64 22.04 -4.01
CA GLN A 383 0.90 23.13 -3.37
C GLN A 383 1.66 23.61 -2.14
N PRO A 384 2.81 24.25 -2.34
CA PRO A 384 3.60 24.71 -1.18
C PRO A 384 2.97 25.84 -0.41
N GLY A 385 1.91 26.47 -0.95
CA GLY A 385 1.33 27.62 -0.27
C GLY A 385 0.71 27.27 1.07
N SER A 386 -0.07 26.19 1.12
CA SER A 386 -0.84 25.89 2.32
C SER A 386 -0.68 24.45 2.78
N LEU A 387 -0.45 23.54 1.84
CA LEU A 387 -0.47 22.11 2.18
C LEU A 387 0.56 21.71 3.22
N PRO A 388 1.82 22.15 3.18
CA PRO A 388 2.74 21.81 4.28
C PRO A 388 2.26 22.30 5.63
N GLN A 389 1.54 23.43 5.67
CA GLN A 389 1.04 23.93 6.94
C GLN A 389 -0.03 23.02 7.52
N VAL A 390 -1.03 22.65 6.71
CA VAL A 390 -2.13 21.83 7.21
C VAL A 390 -1.64 20.43 7.53
N LEU A 391 -0.75 19.87 6.70
CA LEU A 391 -0.24 18.53 6.96
C LEU A 391 0.50 18.48 8.29
N ALA A 392 1.28 19.51 8.60
CA ALA A 392 1.92 19.58 9.91
C ALA A 392 0.88 19.66 11.02
N GLN A 393 -0.20 20.41 10.78
CA GLN A 393 -1.28 20.45 11.76
C GLN A 393 -1.96 19.10 11.89
N ALA A 394 -2.13 18.39 10.77
CA ALA A 394 -2.73 17.07 10.81
C ALA A 394 -1.89 16.10 11.63
N THR A 395 -0.57 16.17 11.46
CA THR A 395 0.31 15.31 12.25
C THR A 395 0.19 15.63 13.74
N GLU A 396 0.05 16.91 14.08
CA GLU A 396 -0.16 17.29 15.47
C GLU A 396 -1.44 16.68 16.02
N MET A 397 -2.52 16.70 15.22
CA MET A 397 -3.79 16.15 15.68
C MET A 397 -3.69 14.65 15.91
N LEU A 398 -2.97 13.94 15.04
CA LEU A 398 -2.80 12.50 15.21
C LEU A 398 -2.07 12.18 16.51
N TYR A 399 -1.04 12.97 16.83
CA TYR A 399 -0.26 12.71 18.04
C TYR A 399 -1.11 12.85 19.29
N MET A 400 -1.97 13.86 19.34
CA MET A 400 -2.77 14.09 20.54
C MET A 400 -3.82 13.02 20.77
N ARG A 401 -4.18 12.24 19.75
CA ARG A 401 -5.16 11.20 19.87
C ARG A 401 -4.55 9.82 20.00
N LEU A 402 -3.24 9.72 20.24
CA LEU A 402 -2.57 8.44 20.32
C LEU A 402 -2.94 7.64 21.56
N ASP A 403 -3.61 8.25 22.54
CA ASP A 403 -3.96 7.53 23.76
C ASP A 403 -4.85 6.33 23.46
N THR A 404 -5.80 6.49 22.53
CA THR A 404 -6.70 5.42 22.13
C THR A 404 -6.62 5.30 20.62
N MET A 405 -5.65 4.54 20.13
CA MET A 405 -5.49 4.30 18.71
C MET A 405 -5.11 2.85 18.49
N ASN A 406 -5.69 2.23 17.46
CA ASN A 406 -5.39 0.84 17.18
C ASN A 406 -3.93 0.68 16.82
N THR A 407 -3.28 -0.34 17.38
CA THR A 407 -1.85 -0.51 17.22
C THR A 407 -1.47 -0.73 15.76
N THR A 408 -2.25 -1.53 15.04
CA THR A 408 -1.94 -1.80 13.64
C THR A 408 -1.96 -0.52 12.82
N CYS A 409 -2.78 0.46 13.20
CA CYS A 409 -2.72 1.76 12.55
C CYS A 409 -1.55 2.58 13.03
N VAL A 410 -1.15 2.42 14.30
CA VAL A 410 0.00 3.15 14.82
C VAL A 410 1.27 2.76 14.08
N ASP A 411 1.42 1.45 13.80
CA ASP A 411 2.60 1.00 13.07
C ASP A 411 2.70 1.68 11.71
N ARG A 412 1.58 1.79 11.01
CA ARG A 412 1.58 2.52 9.75
C ARG A 412 1.88 3.99 9.96
N PHE A 413 1.39 4.57 11.06
CA PHE A 413 1.76 5.94 11.40
C PHE A 413 3.25 6.06 11.63
N ILE A 414 3.84 5.08 12.34
CA ILE A 414 5.28 5.08 12.58
C ILE A 414 6.03 5.00 11.25
N ASN A 415 5.58 4.10 10.38
CA ASN A 415 6.27 3.90 9.10
C ASN A 415 6.21 5.16 8.25
N TRP A 416 5.06 5.83 8.22
CA TRP A 416 4.94 7.03 7.38
C TRP A 416 5.66 8.22 7.98
N PHE A 417 5.40 8.51 9.26
CA PHE A 417 5.95 9.71 9.87
C PHE A 417 7.48 9.67 9.86
N SER A 418 8.07 8.53 10.19
CA SER A 418 9.52 8.39 10.09
C SER A 418 9.99 8.56 8.66
N HIS A 419 9.28 7.96 7.70
CA HIS A 419 9.66 8.10 6.31
C HIS A 419 9.44 9.53 5.83
N HIS A 420 8.35 10.17 6.28
CA HIS A 420 8.09 11.54 5.89
C HIS A 420 9.17 12.49 6.41
N LEU A 421 9.67 12.22 7.61
CA LEU A 421 10.79 13.00 8.12
C LEU A 421 12.09 12.70 7.39
N SER A 422 12.20 11.52 6.78
CA SER A 422 13.44 11.15 6.10
C SER A 422 13.73 12.08 4.94
N ASN A 423 12.72 12.42 4.15
CA ASN A 423 12.88 13.30 2.99
C ASN A 423 12.60 14.75 3.33
N PHE A 424 12.75 15.14 4.59
CA PHE A 424 12.63 16.54 4.99
C PHE A 424 13.70 16.92 6.00
N GLN A 425 14.88 16.32 5.88
CA GLN A 425 16.05 16.63 6.71
C GLN A 425 15.79 16.40 8.19
N PHE A 426 14.81 15.56 8.52
CA PHE A 426 14.49 15.22 9.90
C PHE A 426 14.24 16.47 10.74
N ARG A 427 13.59 17.46 10.13
CA ARG A 427 13.31 18.72 10.79
C ARG A 427 11.89 18.68 11.35
N TRP A 428 11.78 18.83 12.66
CA TRP A 428 10.47 18.81 13.30
C TRP A 428 10.58 19.47 14.67
N SER A 429 9.52 20.17 15.06
CA SER A 429 9.46 20.84 16.36
C SER A 429 9.21 19.80 17.44
N TRP A 430 10.29 19.15 17.87
CA TRP A 430 10.16 18.09 18.86
C TRP A 430 9.71 18.63 20.21
N GLU A 431 10.15 19.85 20.56
CA GLU A 431 9.86 20.39 21.89
C GLU A 431 8.37 20.53 22.14
N ASP A 432 7.55 20.62 21.09
CA ASP A 432 6.12 20.75 21.28
C ASP A 432 5.53 19.51 21.96
N TRP A 433 6.14 18.35 21.77
CA TRP A 433 5.70 17.12 22.41
C TRP A 433 6.41 16.88 23.73
N SER A 434 6.40 17.88 24.61
CA SER A 434 7.12 17.77 25.89
C SER A 434 6.34 17.00 26.94
N ASP A 435 5.07 16.68 26.70
CA ASP A 435 4.28 15.99 27.70
C ASP A 435 4.67 14.52 27.84
N CYS A 436 5.29 13.93 26.82
CA CYS A 436 5.59 12.51 26.88
C CYS A 436 6.65 12.19 27.92
N LEU A 437 7.53 13.15 28.24
CA LEU A 437 8.60 12.87 29.20
C LEU A 437 8.05 12.56 30.58
N SER A 438 7.08 13.34 31.03
CA SER A 438 6.53 13.17 32.38
C SER A 438 5.31 12.23 32.38
N GLN A 439 5.50 11.03 31.82
CA GLN A 439 4.44 10.04 31.75
C GLN A 439 5.05 8.66 31.95
N ASP A 440 4.19 7.65 31.92
CA ASP A 440 4.66 6.27 31.95
C ASP A 440 5.45 5.97 30.69
N PRO A 441 6.67 5.43 30.80
CA PRO A 441 7.44 5.12 29.59
C PRO A 441 6.76 4.15 28.66
N GLU A 442 5.77 3.39 29.13
CA GLU A 442 5.01 2.49 28.28
C GLU A 442 3.72 3.11 27.77
N SER A 443 3.44 4.37 28.10
CA SER A 443 2.25 5.03 27.58
C SER A 443 2.39 5.22 26.07
N PRO A 444 1.26 5.29 25.34
CA PRO A 444 1.35 5.38 23.88
C PRO A 444 2.14 6.57 23.37
N LYS A 445 2.01 7.74 23.98
CA LYS A 445 2.75 8.90 23.49
C LYS A 445 4.26 8.74 23.63
N PRO A 446 4.81 8.42 24.81
CA PRO A 446 6.26 8.13 24.84
C PRO A 446 6.65 6.95 23.98
N LYS A 447 5.79 5.94 23.88
CA LYS A 447 6.07 4.82 23.00
C LYS A 447 6.16 5.28 21.55
N PHE A 448 5.25 6.17 21.13
CA PHE A 448 5.30 6.69 19.77
C PHE A 448 6.61 7.41 19.50
N VAL A 449 7.03 8.28 20.42
CA VAL A 449 8.29 8.98 20.24
C VAL A 449 9.45 8.01 20.22
N ARG A 450 9.41 7.00 21.11
CA ARG A 450 10.47 6.02 21.16
C ARG A 450 10.58 5.26 19.84
N GLU A 451 9.45 4.85 19.27
CA GLU A 451 9.47 4.06 18.06
C GLU A 451 9.87 4.89 16.85
N VAL A 452 9.40 6.14 16.78
CA VAL A 452 9.71 6.98 15.63
C VAL A 452 11.21 7.19 15.51
N LEU A 453 11.87 7.49 16.63
CA LEU A 453 13.31 7.72 16.60
C LEU A 453 14.06 6.46 16.22
N GLU A 454 13.58 5.29 16.66
CA GLU A 454 14.22 4.04 16.28
C GLU A 454 14.17 3.84 14.78
N LYS A 455 13.02 4.12 14.16
CA LYS A 455 12.92 4.01 12.71
C LYS A 455 13.78 5.07 12.02
N CYS A 456 14.00 6.21 12.67
CA CYS A 456 14.89 7.21 12.09
C CYS A 456 16.32 6.70 12.01
N MET A 457 16.79 5.99 13.04
CA MET A 457 18.13 5.40 12.97
C MET A 457 18.24 4.37 11.87
N ARG A 458 17.14 3.76 11.45
CA ARG A 458 17.18 2.89 10.29
C ARG A 458 17.52 3.64 9.01
N LEU A 459 17.34 4.96 9.01
CA LEU A 459 17.59 5.77 7.83
C LEU A 459 18.77 6.73 7.98
N SER A 460 19.44 6.72 9.13
CA SER A 460 20.55 7.64 9.36
C SER A 460 21.51 7.01 10.36
N TYR A 461 22.45 7.81 10.85
CA TYR A 461 23.42 7.33 11.82
C TYR A 461 22.84 7.37 13.22
N HIS A 462 23.51 6.68 14.14
CA HIS A 462 23.12 6.77 15.55
C HIS A 462 23.30 8.19 16.08
N GLN A 463 24.43 8.83 15.75
CA GLN A 463 24.70 10.17 16.25
C GLN A 463 23.76 11.21 15.65
N ARG A 464 23.29 10.96 14.42
CA ARG A 464 22.45 11.96 13.74
C ARG A 464 21.16 12.22 14.51
N ILE A 465 20.54 11.16 15.04
CA ILE A 465 19.28 11.33 15.78
C ILE A 465 19.52 12.16 17.04
N LEU A 466 20.60 11.88 17.77
CA LEU A 466 20.86 12.60 19.00
C LEU A 466 21.10 14.09 18.75
N ASP A 467 21.62 14.44 17.58
CA ASP A 467 21.88 15.85 17.28
C ASP A 467 20.58 16.63 17.13
N ILE A 468 19.65 16.12 16.32
CA ILE A 468 18.43 16.86 16.05
C ILE A 468 17.53 16.91 17.27
N VAL A 469 17.47 15.82 18.03
CA VAL A 469 16.53 15.74 19.15
C VAL A 469 17.01 16.66 20.28
N PRO A 470 16.10 17.40 20.91
CA PRO A 470 16.52 18.24 22.03
C PRO A 470 17.02 17.39 23.18
N PRO A 471 17.90 17.93 24.02
CA PRO A 471 18.52 17.12 25.08
C PRO A 471 17.52 16.52 26.06
N THR A 472 16.35 17.14 26.24
CA THR A 472 15.40 16.64 27.22
C THR A 472 14.88 15.26 26.85
N PHE A 473 14.80 14.94 25.56
CA PHE A 473 14.33 13.64 25.12
C PHE A 473 15.43 12.59 25.11
N SER A 474 16.53 12.82 25.84
CA SER A 474 17.66 11.90 25.79
C SER A 474 17.27 10.49 26.22
N ALA A 475 16.35 10.36 27.17
CA ALA A 475 15.92 9.05 27.60
C ALA A 475 15.15 8.30 26.53
N LEU A 476 14.64 9.01 25.52
CA LEU A 476 13.85 8.38 24.47
C LEU A 476 14.66 7.99 23.25
N CYS A 477 15.93 8.38 23.18
CA CYS A 477 16.73 8.06 22.01
C CYS A 477 17.03 6.56 21.99
N PRO A 478 17.04 5.94 20.82
CA PRO A 478 17.36 4.51 20.74
C PRO A 478 18.83 4.25 21.06
N ALA A 479 19.09 3.02 21.51
CA ALA A 479 20.43 2.64 21.93
C ALA A 479 21.34 2.41 20.72
N ASN A 480 22.63 2.40 20.99
CA ASN A 480 23.63 2.25 19.95
C ASN A 480 23.59 0.84 19.38
N PRO A 481 23.44 0.67 18.07
CA PRO A 481 23.39 -0.69 17.47
C PRO A 481 24.77 -1.35 17.37
N THR A 482 25.21 -1.94 18.48
CA THR A 482 26.47 -2.64 18.54
C THR A 482 26.26 -4.07 19.04
N CYS A 483 27.08 -4.97 18.52
CA CYS A 483 26.99 -6.37 18.93
C CYS A 483 27.42 -6.54 20.38
N ILE A 484 26.87 -7.57 21.01
CA ILE A 484 27.23 -7.95 22.38
C ILE A 484 27.84 -9.34 22.32
N TYR A 485 29.09 -9.46 22.78
CA TYR A 485 29.81 -10.72 22.76
C TYR A 485 29.89 -11.24 24.19
N LYS A 486 29.23 -12.37 24.46
CA LYS A 486 29.26 -12.96 25.79
C LYS A 486 30.68 -13.37 26.18
N TYR A 487 31.39 -14.01 25.26
CA TYR A 487 32.74 -14.50 25.54
C TYR A 487 33.76 -13.40 25.26
N GLY A 488 33.66 -12.33 26.06
CA GLY A 488 34.61 -11.25 25.96
C GLY A 488 36.00 -11.70 26.36
N ASP A 489 37.01 -11.14 25.68
CA ASP A 489 38.39 -11.54 25.95
C ASP A 489 38.83 -11.09 27.34
N GLU A 490 38.27 -9.98 27.83
CA GLU A 490 38.67 -9.42 29.11
C GLU A 490 37.62 -9.58 30.20
N SER A 491 36.37 -9.89 29.85
CA SER A 491 35.31 -9.97 30.85
C SER A 491 35.59 -11.06 31.87
N SER A 492 35.61 -12.32 31.41
CA SER A 492 35.85 -13.44 32.31
C SER A 492 36.23 -14.67 31.48
N ASN A 493 37.37 -15.26 31.81
CA ASN A 493 37.80 -16.50 31.17
C ASN A 493 37.26 -17.74 31.88
N SER A 494 36.58 -17.57 33.01
CA SER A 494 36.05 -18.69 33.78
C SER A 494 34.74 -19.21 33.23
N LEU A 495 34.13 -18.54 32.26
CA LEU A 495 32.86 -19.00 31.70
C LEU A 495 33.06 -20.31 30.95
N PRO A 496 32.06 -21.19 30.97
CA PRO A 496 32.17 -22.45 30.24
C PRO A 496 32.35 -22.22 28.75
N GLY A 497 33.17 -23.06 28.13
CA GLY A 497 33.41 -22.98 26.70
C GLY A 497 34.24 -21.80 26.25
N HIS A 498 34.76 -20.99 27.18
CA HIS A 498 35.58 -19.85 26.79
C HIS A 498 36.83 -20.31 26.06
N SER A 499 37.48 -21.36 26.57
CA SER A 499 38.66 -21.91 25.89
C SER A 499 38.30 -22.42 24.51
N VAL A 500 37.14 -23.09 24.39
CA VAL A 500 36.69 -23.57 23.09
C VAL A 500 36.39 -22.39 22.16
N ALA A 501 35.85 -21.31 22.71
CA ALA A 501 35.48 -20.16 21.89
C ALA A 501 36.68 -19.59 21.14
N LEU A 502 37.82 -19.48 21.82
CA LEU A 502 39.03 -19.01 21.16
C LEU A 502 39.46 -19.94 20.04
N CYS A 503 39.22 -21.24 20.21
CA CYS A 503 39.57 -22.20 19.16
C CYS A 503 38.74 -21.97 17.90
N LEU A 504 37.46 -21.65 18.06
CA LEU A 504 36.65 -21.32 16.89
C LEU A 504 37.05 -19.98 16.28
N ALA A 505 37.48 -19.03 17.11
CA ALA A 505 37.83 -17.71 16.60
C ALA A 505 38.99 -17.81 15.62
N VAL A 506 40.04 -18.55 15.98
CA VAL A 506 41.15 -18.72 15.05
C VAL A 506 40.73 -19.59 13.87
N ALA A 507 39.78 -20.50 14.08
CA ALA A 507 39.29 -21.33 12.98
C ALA A 507 38.60 -20.47 11.92
N PHE A 508 37.77 -19.52 12.36
CA PHE A 508 37.08 -18.65 11.41
C PHE A 508 38.06 -17.80 10.62
N LYS A 509 39.05 -17.23 11.30
CA LYS A 509 40.04 -16.38 10.62
C LYS A 509 40.95 -17.18 9.71
N SER A 510 41.01 -18.50 9.88
CA SER A 510 41.82 -19.37 9.04
C SER A 510 41.01 -20.02 7.93
N LYS A 511 39.81 -19.50 7.66
CA LYS A 511 38.88 -20.03 6.64
C LYS A 511 38.86 -21.56 6.64
N ALA A 512 38.59 -22.12 7.81
CA ALA A 512 38.57 -23.56 7.97
C ALA A 512 37.34 -24.16 7.30
N THR A 513 37.40 -25.47 7.07
CA THR A 513 36.30 -26.20 6.44
C THR A 513 35.27 -26.62 7.47
N ASN A 514 34.14 -27.13 6.98
CA ASN A 514 33.05 -27.52 7.86
C ASN A 514 33.45 -28.67 8.78
N ASP A 515 34.14 -29.67 8.24
CA ASP A 515 34.52 -30.83 9.05
C ASP A 515 35.46 -30.44 10.17
N GLU A 516 36.34 -29.46 9.93
CA GLU A 516 37.24 -29.01 10.99
C GLU A 516 36.47 -28.36 12.14
N ILE A 517 35.37 -27.67 11.82
CA ILE A 517 34.56 -27.06 12.87
C ILE A 517 33.96 -28.12 13.78
N PHE A 518 33.56 -29.26 13.19
CA PHE A 518 32.99 -30.34 13.99
C PHE A 518 34.00 -30.85 15.02
N SER A 519 35.26 -31.00 14.60
CA SER A 519 36.28 -31.51 15.51
C SER A 519 36.46 -30.58 16.71
N ILE A 520 36.51 -29.27 16.46
CA ILE A 520 36.64 -28.32 17.56
C ILE A 520 35.39 -28.35 18.44
N LEU A 521 34.22 -28.40 17.82
CA LEU A 521 32.97 -28.45 18.58
C LEU A 521 32.74 -29.79 19.25
N LYS A 522 33.55 -30.80 18.96
CA LYS A 522 33.36 -32.12 19.55
C LYS A 522 33.88 -32.20 20.98
N ASP A 523 34.73 -31.26 21.40
CA ASP A 523 35.36 -31.31 22.70
C ASP A 523 34.64 -30.49 23.76
N VAL A 524 33.52 -29.86 23.42
CA VAL A 524 32.81 -29.03 24.39
C VAL A 524 32.21 -29.91 25.48
N PRO A 525 32.33 -29.54 26.76
CA PRO A 525 31.70 -30.34 27.82
C PRO A 525 30.18 -30.31 27.69
N ASN A 526 29.55 -31.42 28.08
CA ASN A 526 28.10 -31.55 28.00
C ASN A 526 27.48 -31.39 29.36
N PRO A 527 26.63 -30.37 29.58
CA PRO A 527 25.92 -30.18 30.85
C PRO A 527 25.01 -31.36 31.20
N PHE A 539 21.86 -33.88 21.04
CA PHE A 539 21.65 -32.45 21.24
C PHE A 539 22.44 -31.94 22.43
N ASN A 540 22.92 -30.70 22.33
CA ASN A 540 23.66 -30.06 23.42
C ASN A 540 23.52 -28.54 23.33
N PRO A 541 22.91 -27.90 24.31
CA PRO A 541 22.74 -26.45 24.24
C PRO A 541 24.05 -25.68 24.20
N LEU A 542 25.09 -26.18 24.85
CA LEU A 542 26.35 -25.44 24.91
C LEU A 542 27.05 -25.41 23.57
N LYS A 543 26.85 -26.43 22.73
CA LYS A 543 27.44 -26.42 21.39
C LYS A 543 26.91 -25.25 20.58
N ILE A 544 25.60 -24.98 20.67
CA ILE A 544 25.00 -23.92 19.88
C ILE A 544 25.51 -22.56 20.35
N GLU A 545 25.52 -22.33 21.66
CA GLU A 545 25.83 -21.01 22.18
C GLU A 545 27.27 -20.60 21.85
N VAL A 546 28.21 -21.52 22.01
CA VAL A 546 29.60 -21.17 21.69
C VAL A 546 29.78 -20.96 20.19
N PHE A 547 29.05 -21.72 19.36
CA PHE A 547 29.21 -21.59 17.92
C PHE A 547 28.54 -20.32 17.41
N VAL A 548 27.35 -20.01 17.90
CA VAL A 548 26.60 -18.87 17.38
C VAL A 548 27.26 -17.56 17.80
N GLN A 549 27.66 -17.46 19.08
CA GLN A 549 28.26 -16.22 19.57
C GLN A 549 29.53 -15.88 18.80
N THR A 550 30.39 -16.87 18.57
CA THR A 550 31.63 -16.62 17.85
C THR A 550 31.35 -16.26 16.40
N LEU A 551 30.41 -16.95 15.76
CA LEU A 551 30.18 -16.74 14.33
C LEU A 551 29.57 -15.37 14.07
N LEU A 552 28.54 -15.00 14.83
CA LEU A 552 27.89 -13.71 14.60
C LEU A 552 28.83 -12.55 14.92
N HIS A 553 29.58 -12.65 16.01
CA HIS A 553 30.48 -11.57 16.39
C HIS A 553 31.56 -11.36 15.34
N LEU A 554 32.12 -12.46 14.81
CA LEU A 554 33.17 -12.33 13.80
C LEU A 554 32.62 -11.82 12.47
N ALA A 555 31.31 -11.90 12.27
CA ALA A 555 30.65 -11.38 11.09
C ALA A 555 29.67 -10.28 11.45
N ALA A 556 30.07 -9.40 12.36
CA ALA A 556 29.22 -8.34 12.88
C ALA A 556 29.33 -7.03 12.10
N LYS A 557 30.07 -7.03 10.98
CA LYS A 557 30.30 -5.79 10.25
C LYS A 557 29.03 -5.32 9.56
N SER A 558 28.48 -6.13 8.66
CA SER A 558 27.32 -5.72 7.87
C SER A 558 26.46 -6.94 7.58
N PHE A 559 25.32 -6.70 6.93
CA PHE A 559 24.42 -7.79 6.59
C PHE A 559 25.06 -8.76 5.61
N SER A 560 25.83 -8.24 4.65
CA SER A 560 26.40 -9.09 3.62
C SER A 560 27.36 -10.12 4.21
N HIS A 561 28.18 -9.70 5.18
CA HIS A 561 29.09 -10.65 5.81
C HIS A 561 28.34 -11.75 6.54
N SER A 562 27.29 -11.38 7.27
CA SER A 562 26.54 -12.38 8.04
C SER A 562 25.87 -13.40 7.14
N PHE A 563 25.30 -12.95 6.02
CA PHE A 563 24.61 -13.87 5.12
C PHE A 563 25.60 -14.87 4.51
N SER A 564 26.79 -14.40 4.15
CA SER A 564 27.81 -15.31 3.63
C SER A 564 28.21 -16.34 4.68
N ALA A 565 28.28 -15.91 5.94
CA ALA A 565 28.64 -16.83 7.02
C ALA A 565 27.63 -17.96 7.14
N LEU A 566 26.34 -17.62 7.12
CA LEU A 566 25.31 -18.65 7.20
C LEU A 566 25.38 -19.58 6.00
N ALA A 567 25.56 -19.03 4.80
CA ALA A 567 25.71 -19.86 3.62
C ALA A 567 26.96 -20.71 3.69
N LYS A 568 28.06 -20.15 4.18
CA LYS A 568 29.30 -20.91 4.29
C LYS A 568 29.15 -22.06 5.27
N PHE A 569 28.51 -21.81 6.42
CA PHE A 569 28.33 -22.81 7.46
C PHE A 569 26.91 -23.34 7.49
N HIS A 570 26.30 -23.50 6.31
CA HIS A 570 24.95 -24.02 6.23
C HIS A 570 24.86 -25.44 6.76
N GLU A 571 25.84 -26.29 6.41
CA GLU A 571 25.80 -27.68 6.84
C GLU A 571 25.94 -27.80 8.36
N VAL A 572 26.78 -26.96 8.97
CA VAL A 572 26.97 -27.02 10.41
C VAL A 572 25.69 -26.66 11.14
N PHE A 573 25.01 -25.60 10.67
CA PHE A 573 23.73 -25.23 11.27
C PHE A 573 22.72 -26.35 11.11
N LYS A 574 22.67 -26.97 9.93
CA LYS A 574 21.69 -28.02 9.69
C LYS A 574 21.93 -29.23 10.59
N THR A 575 23.19 -29.60 10.79
CA THR A 575 23.50 -30.77 11.60
C THR A 575 23.27 -30.49 13.08
N LEU A 576 23.72 -29.32 13.57
CA LEU A 576 23.61 -29.03 14.99
C LEU A 576 22.17 -28.81 15.40
N ALA A 577 21.43 -27.99 14.66
CA ALA A 577 20.04 -27.68 15.01
C ALA A 577 19.07 -28.64 14.32
N GLU A 578 19.32 -29.93 14.47
CA GLU A 578 18.42 -30.93 13.87
C GLU A 578 17.13 -31.06 14.66
N SER A 579 17.21 -31.05 15.99
CA SER A 579 16.03 -31.19 16.82
C SER A 579 15.16 -29.94 16.76
N ASP A 580 13.87 -30.14 16.98
CA ASP A 580 12.93 -29.01 16.96
C ASP A 580 13.28 -28.00 18.04
N GLU A 581 13.56 -28.48 19.25
CA GLU A 581 13.92 -27.56 20.33
C GLU A 581 15.32 -26.98 20.13
N GLY A 582 16.19 -27.71 19.44
CA GLY A 582 17.51 -27.16 19.14
C GLY A 582 17.42 -25.94 18.25
N LYS A 583 16.50 -25.95 17.28
CA LYS A 583 16.30 -24.79 16.42
C LYS A 583 15.89 -23.57 17.24
N LEU A 584 15.02 -23.77 18.22
CA LEU A 584 14.60 -22.65 19.06
C LEU A 584 15.78 -22.05 19.81
N HIS A 585 16.69 -22.90 20.29
CA HIS A 585 17.85 -22.39 21.02
C HIS A 585 18.76 -21.55 20.15
N VAL A 586 18.75 -21.78 18.83
CA VAL A 586 19.55 -20.97 17.93
C VAL A 586 19.04 -19.53 17.93
N LEU A 587 17.72 -19.34 18.03
CA LEU A 587 17.17 -18.00 17.98
C LEU A 587 17.47 -17.22 19.25
N ARG A 588 17.31 -17.84 20.41
CA ARG A 588 17.47 -17.10 21.66
C ARG A 588 18.89 -16.62 21.86
N VAL A 589 19.88 -17.44 21.51
CA VAL A 589 21.26 -17.00 21.60
C VAL A 589 21.54 -15.92 20.55
N MET A 590 20.94 -16.03 19.37
CA MET A 590 21.10 -15.01 18.34
C MET A 590 20.52 -13.68 18.81
N PHE A 591 19.37 -13.71 19.47
CA PHE A 591 18.81 -12.47 20.01
C PHE A 591 19.73 -11.86 21.06
N GLU A 592 20.38 -12.69 21.86
CA GLU A 592 21.31 -12.17 22.86
C GLU A 592 22.46 -11.42 22.20
N VAL A 593 22.92 -11.89 21.04
CA VAL A 593 24.01 -11.23 20.34
C VAL A 593 23.60 -9.84 19.89
N TRP A 594 22.40 -9.71 19.33
CA TRP A 594 21.99 -8.45 18.71
C TRP A 594 20.76 -7.85 19.38
N ARG A 595 20.74 -7.81 20.72
CA ARG A 595 19.62 -7.18 21.40
C ARG A 595 19.54 -5.69 21.07
N ASN A 596 20.69 -5.04 20.94
CA ASN A 596 20.74 -3.60 20.72
C ASN A 596 20.58 -3.21 19.26
N HIS A 597 20.47 -4.17 18.34
CA HIS A 597 20.36 -3.90 16.91
C HIS A 597 19.15 -4.64 16.37
N PRO A 598 17.95 -4.11 16.61
CA PRO A 598 16.73 -4.83 16.18
C PRO A 598 16.68 -5.11 14.70
N GLN A 599 17.19 -4.19 13.87
CA GLN A 599 17.16 -4.42 12.43
C GLN A 599 18.01 -5.60 12.02
N MET A 600 19.10 -5.86 12.75
CA MET A 600 19.99 -6.96 12.38
C MET A 600 19.30 -8.30 12.46
N ILE A 601 18.56 -8.55 13.56
CA ILE A 601 17.87 -9.82 13.71
C ILE A 601 16.68 -9.93 12.76
N ALA A 602 16.12 -8.80 12.34
CA ALA A 602 14.98 -8.84 11.43
C ALA A 602 15.35 -9.50 10.11
N VAL A 603 16.53 -9.17 9.58
CA VAL A 603 16.96 -9.78 8.33
C VAL A 603 17.80 -11.03 8.56
N LEU A 604 18.34 -11.22 9.76
CA LEU A 604 19.13 -12.43 10.03
C LEU A 604 18.23 -13.65 10.10
N VAL A 605 17.12 -13.57 10.83
CA VAL A 605 16.18 -14.68 10.89
C VAL A 605 15.51 -14.91 9.55
N ASP A 606 15.43 -13.89 8.70
CA ASP A 606 14.80 -14.04 7.39
C ASP A 606 15.57 -15.04 6.54
N LYS A 607 16.90 -14.95 6.53
CA LYS A 607 17.70 -15.90 5.76
C LYS A 607 17.64 -17.30 6.37
N MET A 608 17.53 -17.40 7.69
CA MET A 608 17.50 -18.71 8.33
C MET A 608 16.27 -19.51 7.89
N ILE A 609 15.12 -18.84 7.80
CA ILE A 609 13.90 -19.54 7.39
C ILE A 609 14.03 -20.02 5.95
N ARG A 610 14.48 -19.15 5.05
CA ARG A 610 14.61 -19.53 3.65
C ARG A 610 15.66 -20.60 3.47
N THR A 611 16.78 -20.51 4.18
CA THR A 611 17.82 -21.52 4.11
C THR A 611 17.51 -22.75 4.95
N GLN A 612 16.28 -22.86 5.46
CA GLN A 612 15.82 -24.02 6.21
C GLN A 612 16.64 -24.27 7.47
N ILE A 613 17.29 -23.24 8.00
CA ILE A 613 18.00 -23.39 9.27
C ILE A 613 17.01 -23.59 10.40
N VAL A 614 15.96 -22.77 10.45
CA VAL A 614 14.91 -22.89 11.45
C VAL A 614 13.57 -22.80 10.74
N ASP A 615 12.66 -23.69 11.08
CA ASP A 615 11.33 -23.69 10.48
C ASP A 615 10.53 -22.49 10.99
N CYS A 616 9.46 -22.17 10.25
CA CYS A 616 8.60 -21.07 10.66
C CYS A 616 7.92 -21.34 11.99
N ALA A 617 7.68 -22.61 12.31
CA ALA A 617 7.07 -22.94 13.59
C ALA A 617 7.97 -22.55 14.75
N ALA A 618 9.28 -22.75 14.59
CA ALA A 618 10.20 -22.40 15.67
C ALA A 618 10.20 -20.91 15.96
N VAL A 619 10.09 -20.08 14.91
CA VAL A 619 10.10 -18.64 15.09
C VAL A 619 8.91 -18.20 15.94
N ALA A 620 7.73 -18.77 15.69
CA ALA A 620 6.55 -18.40 16.46
C ALA A 620 6.74 -18.73 17.94
N ASN A 621 7.32 -19.89 18.24
CA ASN A 621 7.56 -20.25 19.63
C ASN A 621 8.56 -19.31 20.28
N TRP A 622 9.58 -18.90 19.53
CA TRP A 622 10.63 -18.07 20.11
C TRP A 622 10.12 -16.69 20.49
N ILE A 623 9.15 -16.15 19.75
CA ILE A 623 8.68 -14.79 20.00
C ILE A 623 8.05 -14.69 21.38
N PHE A 624 7.28 -15.69 21.76
CA PHE A 624 6.57 -15.66 23.05
C PHE A 624 7.40 -16.24 24.19
N SER A 625 8.64 -16.62 23.93
CA SER A 625 9.48 -17.14 25.00
C SER A 625 9.78 -16.05 26.02
N SER A 626 10.20 -16.48 27.21
CA SER A 626 10.45 -15.54 28.30
C SER A 626 11.60 -14.60 27.99
N GLU A 627 12.44 -14.93 27.01
CA GLU A 627 13.55 -14.05 26.65
C GLU A 627 13.05 -12.71 26.12
N LEU A 628 12.00 -12.74 25.29
CA LEU A 628 11.48 -11.53 24.67
C LEU A 628 10.35 -10.90 25.46
N SER A 629 10.12 -11.34 26.70
CA SER A 629 9.01 -10.83 27.48
C SER A 629 9.13 -9.33 27.72
N ARG A 630 10.35 -8.86 28.04
CA ARG A 630 10.55 -7.43 28.26
C ARG A 630 10.32 -6.63 26.99
N ASP A 631 10.80 -7.13 25.86
CA ASP A 631 10.68 -6.44 24.58
C ASP A 631 9.50 -6.94 23.76
N PHE A 632 8.51 -7.56 24.40
CA PHE A 632 7.37 -8.09 23.67
C PHE A 632 6.55 -6.98 23.02
N THR A 633 6.40 -5.85 23.73
CA THR A 633 5.63 -4.73 23.20
C THR A 633 6.39 -3.93 22.14
N ARG A 634 7.67 -4.23 21.93
CA ARG A 634 8.45 -3.51 20.93
C ARG A 634 7.90 -3.76 19.54
N LEU A 635 8.18 -2.83 18.64
CA LEU A 635 7.65 -2.92 17.28
C LEU A 635 8.39 -3.94 16.42
N PHE A 636 9.70 -4.12 16.65
CA PHE A 636 10.49 -4.92 15.73
C PHE A 636 10.11 -6.40 15.78
N VAL A 637 9.63 -6.88 16.92
CA VAL A 637 9.30 -8.31 17.02
C VAL A 637 8.14 -8.67 16.12
N TRP A 638 7.16 -7.78 15.98
CA TRP A 638 6.00 -8.09 15.17
C TRP A 638 6.29 -8.04 13.67
N GLU A 639 7.35 -7.34 13.27
CA GLU A 639 7.79 -7.45 11.88
C GLU A 639 8.40 -8.82 11.61
N ILE A 640 8.99 -9.45 12.62
CA ILE A 640 9.51 -10.79 12.45
C ILE A 640 8.38 -11.76 12.15
N LEU A 641 7.30 -11.67 12.93
CA LEU A 641 6.20 -12.62 12.80
C LEU A 641 5.51 -12.49 11.44
N HIS A 642 5.15 -11.26 11.06
CA HIS A 642 4.42 -11.06 9.81
C HIS A 642 5.28 -11.43 8.62
N SER A 643 6.57 -11.08 8.63
CA SER A 643 7.45 -11.50 7.56
C SER A 643 7.56 -13.01 7.50
N THR A 644 7.58 -13.67 8.66
CA THR A 644 7.59 -15.13 8.69
C THR A 644 6.32 -15.70 8.06
N ILE A 645 5.17 -15.12 8.40
CA ILE A 645 3.91 -15.62 7.87
C ILE A 645 3.84 -15.46 6.36
N ARG A 646 4.26 -14.30 5.86
CA ARG A 646 4.16 -14.04 4.43
C ARG A 646 5.01 -15.01 3.62
N LYS A 647 6.19 -15.36 4.14
CA LYS A 647 7.04 -16.33 3.44
C LYS A 647 6.35 -17.67 3.31
N MET A 648 5.68 -18.13 4.35
CA MET A 648 4.95 -19.38 4.27
C MET A 648 3.77 -19.28 3.31
N ASN A 649 3.01 -18.18 3.38
CA ASN A 649 1.90 -17.99 2.47
C ASN A 649 2.37 -17.90 1.03
N LYS A 650 3.48 -17.20 0.79
CA LYS A 650 4.03 -17.12 -0.56
C LYS A 650 4.52 -18.48 -1.02
N HIS A 651 5.11 -19.27 -0.11
CA HIS A 651 5.65 -20.56 -0.49
C HIS A 651 4.56 -21.51 -0.94
N VAL A 652 3.44 -21.57 -0.21
CA VAL A 652 2.37 -22.50 -0.58
C VAL A 652 1.72 -22.06 -1.89
N LEU A 653 1.62 -20.75 -2.12
CA LEU A 653 1.06 -20.27 -3.37
C LEU A 653 1.94 -20.64 -4.55
N LYS A 654 3.26 -20.59 -4.36
CA LYS A 654 4.17 -20.95 -5.45
C LYS A 654 4.01 -22.41 -5.85
N ILE A 655 3.85 -23.29 -4.87
CA ILE A 655 3.67 -24.71 -5.18
C ILE A 655 2.34 -24.95 -5.86
N GLN A 656 1.29 -24.22 -5.44
CA GLN A 656 -0.01 -24.36 -6.08
C GLN A 656 0.07 -23.97 -7.55
N LYS A 657 0.77 -22.88 -7.86
CA LYS A 657 0.92 -22.48 -9.25
C LYS A 657 1.65 -23.54 -10.06
N GLU A 658 2.68 -24.14 -9.48
CA GLU A 658 3.36 -25.24 -10.15
C GLU A 658 2.42 -26.43 -10.35
N LEU A 659 1.55 -26.68 -9.37
CA LEU A 659 0.55 -27.73 -9.53
C LEU A 659 -0.45 -27.37 -10.64
N GLU A 660 -0.85 -26.10 -10.70
CA GLU A 660 -1.85 -25.69 -11.68
C GLU A 660 -1.33 -25.87 -13.11
N GLU A 661 -0.09 -25.47 -13.37
CA GLU A 661 0.44 -25.58 -14.73
C GLU A 661 0.60 -27.03 -15.14
N ALA A 662 0.96 -27.91 -14.18
CA ALA A 662 0.98 -29.33 -14.48
C ALA A 662 -0.40 -29.85 -14.82
N LYS A 663 -1.42 -29.39 -14.09
CA LYS A 663 -2.79 -29.74 -14.41
C LYS A 663 -3.20 -29.20 -15.77
N GLU A 664 -2.64 -28.05 -16.17
CA GLU A 664 -2.93 -27.50 -17.49
C GLU A 664 -2.41 -28.42 -18.59
N LYS A 665 -1.31 -29.13 -18.32
CA LYS A 665 -0.77 -30.03 -19.34
C LYS A 665 -1.71 -31.17 -19.65
N LEU A 666 -2.60 -31.52 -18.70
CA LEU A 666 -3.61 -32.53 -18.97
C LEU A 666 -4.54 -32.09 -20.10
N ALA A 667 -5.05 -30.85 -20.02
CA ALA A 667 -5.94 -30.37 -21.05
C ALA A 667 -5.19 -30.08 -22.35
N ARG A 668 -3.98 -29.53 -22.25
CA ARG A 668 -3.24 -29.13 -23.45
C ARG A 668 -2.81 -30.34 -24.26
N GLN A 669 -2.20 -31.34 -23.61
CA GLN A 669 -1.75 -32.52 -24.34
C GLN A 669 -2.92 -33.31 -24.91
N HIS A 670 -3.96 -33.53 -24.10
CA HIS A 670 -5.14 -34.24 -24.60
C HIS A 670 -5.88 -33.46 -25.66
N LYS A 671 -5.66 -32.14 -25.76
CA LYS A 671 -6.24 -31.37 -26.84
C LYS A 671 -5.61 -31.76 -28.18
N ARG A 672 -4.28 -31.82 -28.23
CA ARG A 672 -3.61 -32.24 -29.46
C ARG A 672 -3.75 -33.74 -29.67
N ARG A 673 -3.74 -34.53 -28.59
CA ARG A 673 -3.93 -35.97 -28.73
C ARG A 673 -5.30 -36.30 -29.32
N SER A 674 -6.32 -35.53 -28.94
CA SER A 674 -7.63 -35.67 -29.58
C SER A 674 -7.54 -35.32 -31.06
N ASP A 675 -6.80 -34.27 -31.40
CA ASP A 675 -6.62 -33.90 -32.80
C ASP A 675 -5.83 -34.97 -33.55
N ASP A 676 -4.74 -35.45 -32.95
CA ASP A 676 -3.89 -36.48 -33.54
C ASP A 676 -3.72 -37.60 -32.53
N ASP A 677 -4.33 -38.76 -32.81
CA ASP A 677 -4.31 -39.90 -31.89
C ASP A 677 -2.90 -40.47 -31.84
N ASP A 678 -2.17 -40.16 -30.77
CA ASP A 678 -0.82 -40.64 -30.56
C ASP A 678 -0.86 -41.78 -29.54
N ARG A 679 -0.41 -42.96 -29.95
CA ARG A 679 -0.34 -44.10 -29.05
C ARG A 679 0.99 -44.18 -28.30
N SER A 680 1.96 -43.35 -28.65
CA SER A 680 3.22 -43.26 -27.92
C SER A 680 3.16 -42.21 -26.80
N SER A 681 2.05 -41.49 -26.68
CA SER A 681 1.87 -40.47 -25.66
C SER A 681 1.32 -41.05 -24.35
N ASP A 682 1.08 -42.36 -24.29
CA ASP A 682 0.61 -42.95 -23.05
C ASP A 682 1.63 -42.79 -21.93
N ARG A 683 2.91 -42.99 -22.25
CA ARG A 683 3.96 -42.79 -21.25
C ARG A 683 4.09 -41.31 -20.89
N LYS A 684 3.81 -40.40 -21.83
CA LYS A 684 3.91 -38.98 -21.53
C LYS A 684 2.94 -38.57 -20.42
N ASP A 685 1.70 -39.06 -20.49
CA ASP A 685 0.74 -38.74 -19.44
C ASP A 685 1.07 -39.46 -18.14
N GLY A 686 1.61 -40.68 -18.23
CA GLY A 686 1.95 -41.41 -17.02
C GLY A 686 3.01 -40.72 -16.19
N VAL A 687 4.02 -40.15 -16.86
CA VAL A 687 5.08 -39.44 -16.13
C VAL A 687 4.53 -38.22 -15.41
N LEU A 688 3.73 -37.42 -16.11
CA LEU A 688 3.18 -36.22 -15.48
C LEU A 688 2.12 -36.56 -14.44
N GLU A 689 1.36 -37.63 -14.66
CA GLU A 689 0.38 -38.05 -13.67
C GLU A 689 1.06 -38.46 -12.36
N GLU A 690 2.18 -39.17 -12.46
CA GLU A 690 2.99 -39.43 -11.28
C GLU A 690 3.62 -38.15 -10.76
N GLN A 691 3.90 -37.19 -11.65
CA GLN A 691 4.48 -35.92 -11.23
C GLN A 691 3.45 -35.05 -10.52
N ILE A 692 2.23 -34.98 -11.05
CA ILE A 692 1.22 -34.09 -10.47
C ILE A 692 0.80 -34.58 -9.09
N GLU A 693 0.69 -35.91 -8.91
CA GLU A 693 0.30 -36.43 -7.61
C GLU A 693 1.34 -36.14 -6.55
N ARG A 694 2.62 -36.13 -6.93
CA ARG A 694 3.67 -35.73 -5.99
C ARG A 694 3.48 -34.29 -5.54
N LEU A 695 3.17 -33.40 -6.48
CA LEU A 695 2.87 -32.02 -6.12
C LEU A 695 1.62 -31.94 -5.25
N GLN A 696 0.61 -32.77 -5.55
CA GLN A 696 -0.57 -32.82 -4.69
C GLN A 696 -0.18 -33.23 -3.27
N GLU A 697 0.73 -34.20 -3.14
CA GLU A 697 1.26 -34.53 -1.82
C GLU A 697 2.02 -33.36 -1.22
N LYS A 698 2.82 -32.66 -2.05
CA LYS A 698 3.56 -31.51 -1.56
C LYS A 698 2.63 -30.38 -1.13
N VAL A 699 1.57 -30.14 -1.91
CA VAL A 699 0.61 -29.11 -1.55
C VAL A 699 -0.05 -29.44 -0.22
N GLU A 700 -0.46 -30.70 -0.05
CA GLU A 700 -1.03 -31.12 1.22
C GLU A 700 -0.02 -30.97 2.35
N SER A 701 1.25 -31.31 2.08
CA SER A 701 2.29 -31.09 3.07
C SER A 701 2.47 -29.61 3.37
N ALA A 702 2.47 -28.77 2.34
CA ALA A 702 2.63 -27.33 2.55
C ALA A 702 1.44 -26.75 3.29
N GLN A 703 0.22 -27.12 2.89
CA GLN A 703 -0.96 -26.60 3.56
C GLN A 703 -1.00 -27.04 5.03
N SER A 704 -0.64 -28.29 5.29
CA SER A 704 -0.57 -28.76 6.67
C SER A 704 0.47 -27.98 7.46
N GLU A 705 1.63 -27.72 6.83
CA GLU A 705 2.65 -26.92 7.49
C GLU A 705 2.16 -25.50 7.72
N GLN A 706 1.50 -24.90 6.72
CA GLN A 706 0.97 -23.56 6.89
C GLN A 706 -0.09 -23.50 7.97
N LYS A 707 -1.00 -24.48 7.98
CA LYS A 707 -2.02 -24.52 9.01
C LYS A 707 -1.41 -24.68 10.40
N ASN A 708 -0.30 -25.42 10.50
CA ASN A 708 0.36 -25.57 11.78
C ASN A 708 0.89 -24.23 12.30
N LEU A 709 1.42 -23.40 11.41
CA LEU A 709 1.99 -22.12 11.83
C LEU A 709 0.94 -21.23 12.47
N PHE A 710 -0.23 -21.13 11.85
CA PHE A 710 -1.32 -20.36 12.47
C PHE A 710 -1.81 -21.04 13.73
N LEU A 711 -1.84 -22.38 13.74
CA LEU A 711 -2.24 -23.11 14.93
C LEU A 711 -1.30 -22.82 16.10
N VAL A 712 0.01 -22.78 15.82
CA VAL A 712 0.98 -22.54 16.88
C VAL A 712 0.82 -21.14 17.45
N ILE A 713 0.67 -20.15 16.56
CA ILE A 713 0.58 -18.75 17.02
C ILE A 713 -0.65 -18.56 17.89
N PHE A 714 -1.82 -18.99 17.40
CA PHE A 714 -3.05 -18.80 18.15
C PHE A 714 -2.99 -19.54 19.48
N GLN A 715 -2.53 -20.79 19.46
CA GLN A 715 -2.42 -21.55 20.70
C GLN A 715 -1.46 -20.87 21.67
N ARG A 716 -0.33 -20.40 21.17
CA ARG A 716 0.61 -19.67 22.02
C ARG A 716 0.03 -18.32 22.45
N PHE A 717 -0.71 -17.66 21.56
CA PHE A 717 -1.30 -16.37 21.89
C PHE A 717 -2.37 -16.50 22.96
N ILE A 718 -3.06 -17.63 23.02
CA ILE A 718 -4.15 -17.78 23.97
C ILE A 718 -3.61 -17.85 25.40
N MET A 719 -2.56 -18.64 25.63
CA MET A 719 -2.15 -18.91 27.00
C MET A 719 -1.46 -17.71 27.63
N ILE A 720 -0.82 -16.85 26.82
CA ILE A 720 -0.13 -15.70 27.39
C ILE A 720 -1.14 -14.68 27.92
N LEU A 721 -2.25 -14.48 27.20
CA LEU A 721 -3.27 -13.56 27.67
C LEU A 721 -3.97 -14.10 28.90
N THR A 722 -4.30 -15.39 28.91
CA THR A 722 -4.98 -15.97 30.07
C THR A 722 -4.15 -15.84 31.32
N GLU A 723 -2.83 -16.06 31.21
CA GLU A 723 -1.95 -15.86 32.35
C GLU A 723 -2.05 -14.44 32.87
N HIS A 724 -2.08 -13.45 31.96
CA HIS A 724 -2.24 -12.07 32.39
C HIS A 724 -3.59 -11.83 33.03
N LEU A 725 -4.65 -12.40 32.45
CA LEU A 725 -5.99 -12.14 32.94
C LEU A 725 -6.21 -12.71 34.34
N VAL A 726 -5.79 -13.96 34.56
CA VAL A 726 -5.98 -14.58 35.87
C VAL A 726 -5.14 -13.86 36.92
N ARG A 727 -3.94 -13.41 36.54
CA ARG A 727 -3.11 -12.66 37.47
C ARG A 727 -3.77 -11.35 37.86
N CYS A 728 -4.36 -10.65 36.89
CA CYS A 728 -5.01 -9.37 37.18
C CYS A 728 -6.22 -9.56 38.09
N GLU A 729 -7.06 -10.55 37.81
CA GLU A 729 -8.25 -10.75 38.62
C GLU A 729 -7.88 -11.18 40.04
N THR A 730 -6.88 -12.05 40.18
CA THR A 730 -6.43 -12.45 41.51
C THR A 730 -5.86 -11.28 42.28
N ASP A 731 -5.05 -10.45 41.62
CA ASP A 731 -4.46 -9.29 42.27
C ASP A 731 -5.42 -8.10 42.34
N GLY A 732 -6.51 -8.14 41.57
CA GLY A 732 -7.44 -7.03 41.55
C GLY A 732 -7.02 -5.85 40.70
N THR A 733 -5.88 -5.94 40.01
CA THR A 733 -5.41 -4.83 39.20
C THR A 733 -6.29 -4.66 37.96
N SER A 734 -6.23 -3.46 37.39
CA SER A 734 -7.02 -3.17 36.20
C SER A 734 -6.52 -4.00 35.02
N VAL A 735 -7.46 -4.55 34.25
CA VAL A 735 -7.11 -5.35 33.09
C VAL A 735 -6.46 -4.47 32.02
N LEU A 736 -7.02 -3.29 31.78
CA LEU A 736 -6.53 -2.39 30.74
C LEU A 736 -5.19 -1.82 31.17
N THR A 737 -4.11 -2.38 30.63
CA THR A 737 -2.76 -1.93 30.88
C THR A 737 -2.08 -1.62 29.55
N PRO A 738 -1.03 -0.79 29.56
CA PRO A 738 -0.31 -0.53 28.30
C PRO A 738 0.22 -1.79 27.65
N TRP A 739 0.58 -2.81 28.45
CA TRP A 739 0.99 -4.08 27.86
C TRP A 739 -0.20 -4.81 27.24
N TYR A 740 -1.31 -4.88 27.96
CA TYR A 740 -2.46 -5.63 27.47
C TYR A 740 -3.03 -5.03 26.20
N LYS A 741 -3.14 -3.70 26.15
CA LYS A 741 -3.73 -3.05 24.98
C LYS A 741 -2.93 -3.37 23.72
N ASN A 742 -1.60 -3.29 23.81
CA ASN A 742 -0.78 -3.63 22.66
C ASN A 742 -0.89 -5.11 22.33
N CYS A 743 -0.91 -5.97 23.36
CA CYS A 743 -0.92 -7.41 23.11
C CYS A 743 -2.22 -7.86 22.46
N ILE A 744 -3.36 -7.35 22.93
CA ILE A 744 -4.64 -7.81 22.40
C ILE A 744 -4.82 -7.34 20.96
N GLU A 745 -4.37 -6.12 20.65
CA GLU A 745 -4.54 -5.60 19.31
C GLU A 745 -3.63 -6.29 18.30
N ARG A 746 -2.51 -6.86 18.76
CA ARG A 746 -1.69 -7.67 17.86
C ARG A 746 -2.44 -8.94 17.43
N LEU A 747 -3.22 -9.51 18.34
CA LEU A 747 -4.05 -10.65 17.97
C LEU A 747 -5.07 -10.27 16.91
N GLN A 748 -5.67 -9.09 17.02
CA GLN A 748 -6.57 -8.61 15.98
C GLN A 748 -5.83 -8.43 14.67
N GLN A 749 -4.59 -7.90 14.74
CA GLN A 749 -3.84 -7.61 13.52
C GLN A 749 -3.59 -8.86 12.71
N ILE A 750 -3.21 -9.96 13.37
CA ILE A 750 -2.88 -11.18 12.63
C ILE A 750 -4.13 -11.76 11.96
N PHE A 751 -5.30 -11.50 12.52
CA PHE A 751 -6.53 -11.93 11.85
C PHE A 751 -6.82 -11.09 10.63
N LEU A 752 -6.68 -9.77 10.75
CA LEU A 752 -7.06 -8.89 9.65
C LEU A 752 -6.14 -9.06 8.45
N GLN A 753 -4.83 -9.17 8.68
CA GLN A 753 -3.89 -9.23 7.57
C GLN A 753 -3.99 -10.53 6.78
N HIS A 754 -4.50 -11.59 7.38
CA HIS A 754 -4.56 -12.89 6.72
C HIS A 754 -5.94 -13.52 6.87
N HIS A 755 -6.98 -12.69 6.84
CA HIS A 755 -8.33 -13.21 7.00
C HIS A 755 -8.70 -14.16 5.87
N GLN A 756 -8.16 -13.94 4.68
CA GLN A 756 -8.47 -14.82 3.55
C GLN A 756 -7.97 -16.24 3.80
N ILE A 757 -6.73 -16.36 4.30
CA ILE A 757 -6.17 -17.69 4.55
C ILE A 757 -6.86 -18.35 5.74
N ILE A 758 -7.08 -17.58 6.81
CA ILE A 758 -7.67 -18.15 8.02
C ILE A 758 -9.08 -18.65 7.78
N GLN A 759 -9.77 -18.12 6.77
CA GLN A 759 -11.11 -18.60 6.45
C GLN A 759 -11.13 -20.10 6.20
N GLN A 760 -10.02 -20.66 5.71
CA GLN A 760 -9.95 -22.09 5.48
C GLN A 760 -9.84 -22.89 6.78
N TYR A 761 -9.62 -22.23 7.91
CA TYR A 761 -9.43 -22.91 9.19
C TYR A 761 -10.59 -22.69 10.15
N MET A 762 -11.74 -22.24 9.65
CA MET A 762 -12.85 -21.90 10.53
C MET A 762 -13.32 -23.12 11.32
N VAL A 763 -13.31 -24.29 10.69
CA VAL A 763 -13.74 -25.51 11.39
C VAL A 763 -12.78 -25.83 12.53
N THR A 764 -11.48 -25.75 12.27
CA THR A 764 -10.50 -26.18 13.26
C THR A 764 -10.43 -25.21 14.45
N LEU A 765 -10.48 -23.90 14.18
CA LEU A 765 -10.28 -22.93 15.24
C LEU A 765 -11.38 -23.03 16.30
N GLU A 766 -12.63 -23.20 15.86
CA GLU A 766 -13.74 -23.25 16.80
C GLU A 766 -13.67 -24.47 17.70
N ASN A 767 -13.25 -25.62 17.14
CA ASN A 767 -13.26 -26.85 17.92
C ASN A 767 -12.11 -26.94 18.91
N LEU A 768 -10.95 -26.34 18.59
CA LEU A 768 -9.75 -26.52 19.39
C LEU A 768 -9.29 -25.27 20.11
N LEU A 769 -9.08 -24.17 19.38
CA LEU A 769 -8.42 -23.01 19.96
C LEU A 769 -9.41 -22.04 20.60
N PHE A 770 -10.32 -21.49 19.81
CA PHE A 770 -11.28 -20.49 20.29
C PHE A 770 -12.58 -21.22 20.63
N THR A 771 -12.74 -21.58 21.90
CA THR A 771 -13.89 -22.31 22.39
C THR A 771 -14.69 -21.44 23.34
N ALA A 772 -15.89 -21.93 23.70
CA ALA A 772 -16.75 -21.19 24.60
C ALA A 772 -16.15 -21.07 26.00
N GLU A 773 -15.36 -22.06 26.42
CA GLU A 773 -14.74 -22.02 27.74
C GLU A 773 -13.68 -20.93 27.86
N LEU A 774 -13.26 -20.33 26.75
CA LEU A 774 -12.23 -19.32 26.78
C LEU A 774 -12.75 -18.04 27.44
N ASP A 775 -11.82 -17.20 27.88
CA ASP A 775 -12.19 -15.96 28.51
C ASP A 775 -12.93 -15.07 27.52
N PRO A 776 -13.97 -14.36 27.95
CA PRO A 776 -14.73 -13.51 27.01
C PRO A 776 -13.89 -12.43 26.35
N HIS A 777 -12.91 -11.87 27.04
CA HIS A 777 -12.09 -10.81 26.45
C HIS A 777 -11.33 -11.31 25.23
N ILE A 778 -10.61 -12.42 25.39
CA ILE A 778 -9.84 -12.95 24.26
C ILE A 778 -10.75 -13.53 23.20
N LEU A 779 -11.83 -14.20 23.63
CA LEU A 779 -12.75 -14.82 22.67
C LEU A 779 -13.42 -13.77 21.79
N ALA A 780 -13.60 -12.55 22.30
CA ALA A 780 -14.29 -11.52 21.54
C ALA A 780 -13.60 -11.21 20.23
N VAL A 781 -12.27 -11.39 20.17
CA VAL A 781 -11.56 -11.16 18.91
C VAL A 781 -12.03 -12.13 17.85
N PHE A 782 -12.18 -13.40 18.21
CA PHE A 782 -12.71 -14.37 17.26
C PHE A 782 -14.21 -14.16 17.04
N GLN A 783 -14.92 -13.65 18.04
CA GLN A 783 -16.35 -13.42 17.90
C GLN A 783 -16.64 -12.41 16.80
N GLN A 784 -15.70 -11.51 16.53
CA GLN A 784 -15.90 -10.49 15.50
C GLN A 784 -15.19 -10.81 14.19
N PHE A 785 -14.11 -11.57 14.23
CA PHE A 785 -13.47 -11.99 12.98
C PHE A 785 -14.39 -12.89 12.16
N CYS A 786 -15.08 -13.81 12.83
CA CYS A 786 -16.01 -14.68 12.12
C CYS A 786 -17.15 -13.87 11.50
N ALA A 787 -17.67 -12.89 12.24
CA ALA A 787 -18.71 -12.02 11.72
C ALA A 787 -18.16 -10.92 10.83
N LEU A 788 -16.84 -10.78 10.73
CA LEU A 788 -16.27 -9.76 9.85
C LEU A 788 -16.60 -10.04 8.39
N GLN A 789 -16.51 -11.29 7.97
CA GLN A 789 -16.78 -11.66 6.59
C GLN A 789 -18.16 -12.25 6.39
N ALA A 790 -18.72 -12.92 7.40
CA ALA A 790 -20.04 -13.52 7.27
C ALA A 790 -21.08 -12.70 8.03
N LEU B 5 -9.64 -3.37 -21.79
CA LEU B 5 -9.79 -2.30 -20.80
C LEU B 5 -9.68 -0.92 -21.45
N LEU B 6 -9.20 0.04 -20.68
CA LEU B 6 -9.08 1.42 -21.14
C LEU B 6 -7.61 1.82 -21.19
N LYS B 7 -7.20 2.44 -22.29
CA LYS B 7 -5.79 2.71 -22.52
C LYS B 7 -5.22 3.70 -21.50
N ALA B 8 -5.97 4.76 -21.19
CA ALA B 8 -5.43 5.82 -20.35
C ALA B 8 -5.10 5.30 -18.95
N LEU B 9 -6.00 4.51 -18.37
CA LEU B 9 -5.73 3.96 -17.03
C LEU B 9 -4.65 2.88 -17.08
N ARG B 10 -4.56 2.17 -18.20
CA ARG B 10 -3.55 1.12 -18.34
C ARG B 10 -2.14 1.70 -18.30
N SER B 11 -1.97 2.93 -18.79
CA SER B 11 -0.65 3.52 -18.92
C SER B 11 0.02 3.70 -17.57
N ASP B 12 1.28 3.32 -17.48
CA ASP B 12 2.12 3.56 -16.33
C ASP B 12 3.54 3.84 -16.82
N SER B 13 3.94 5.11 -16.76
CA SER B 13 5.20 5.51 -17.38
C SER B 13 6.40 5.01 -16.59
N TYR B 14 6.28 4.92 -15.27
CA TYR B 14 7.42 4.56 -14.43
C TYR B 14 7.93 3.17 -14.75
N VAL B 15 7.03 2.21 -14.95
CA VAL B 15 7.43 0.84 -15.22
C VAL B 15 8.10 0.69 -16.58
N GLU B 16 7.91 1.66 -17.47
CA GLU B 16 8.46 1.55 -18.81
C GLU B 16 9.99 1.53 -18.78
N LEU B 17 10.56 0.84 -19.75
CA LEU B 17 12.02 0.71 -19.83
C LEU B 17 12.67 2.06 -20.05
N SER B 18 13.79 2.29 -19.35
CA SER B 18 14.54 3.52 -19.54
C SER B 18 15.34 3.46 -20.82
N GLN B 19 15.87 4.62 -21.22
CA GLN B 19 16.68 4.67 -22.44
C GLN B 19 18.02 3.97 -22.25
N TYR B 20 18.44 3.78 -21.01
CA TYR B 20 19.74 3.20 -20.72
C TYR B 20 19.86 1.79 -21.27
N ARG B 21 21.06 1.45 -21.74
CA ARG B 21 21.41 0.09 -22.14
C ARG B 21 22.81 -0.22 -21.64
N ASP B 22 23.07 -1.50 -21.41
CA ASP B 22 24.37 -1.95 -20.95
C ASP B 22 25.23 -2.28 -22.17
N GLN B 23 26.29 -1.51 -22.38
CA GLN B 23 27.18 -1.75 -23.51
C GLN B 23 27.90 -3.09 -23.37
N HIS B 24 28.33 -3.41 -22.16
CA HIS B 24 29.09 -4.65 -21.94
C HIS B 24 28.25 -5.90 -22.05
N PHE B 25 26.92 -5.77 -22.14
CA PHE B 25 26.07 -6.95 -22.29
C PHE B 25 26.41 -7.69 -23.58
N ARG B 26 26.42 -9.01 -23.50
CA ARG B 26 26.80 -9.86 -24.63
C ARG B 26 25.53 -10.40 -25.27
N GLY B 27 24.95 -9.60 -26.15
CA GLY B 27 23.74 -10.01 -26.84
C GLY B 27 23.15 -8.86 -27.63
N ASP B 28 22.07 -9.18 -28.34
CA ASP B 28 21.41 -8.19 -29.17
C ASP B 28 20.60 -7.23 -28.32
N ASN B 29 20.25 -6.09 -28.92
CA ASN B 29 19.39 -5.12 -28.24
C ASN B 29 18.04 -5.72 -27.91
N GLU B 30 17.45 -6.45 -28.87
CA GLU B 30 16.17 -7.09 -28.62
C GLU B 30 16.26 -8.13 -27.51
N GLU B 31 17.44 -8.73 -27.34
CA GLU B 31 17.62 -9.67 -26.23
C GLU B 31 17.46 -8.95 -24.89
N GLN B 32 17.99 -7.73 -24.78
CA GLN B 32 17.80 -6.95 -23.56
C GLN B 32 16.32 -6.65 -23.33
N GLU B 33 15.60 -6.29 -24.39
CA GLU B 33 14.20 -5.92 -24.24
C GLU B 33 13.40 -7.06 -23.63
N LYS B 34 13.55 -8.27 -24.15
CA LYS B 34 12.83 -9.41 -23.60
C LYS B 34 13.35 -9.78 -22.21
N LEU B 35 14.57 -9.37 -21.87
CA LEU B 35 15.11 -9.65 -20.55
C LEU B 35 14.80 -8.55 -19.56
N LEU B 36 14.86 -7.28 -20.00
CA LEU B 36 14.53 -6.17 -19.10
C LEU B 36 13.08 -6.24 -18.65
N LYS B 37 12.17 -6.57 -19.56
CA LYS B 37 10.76 -6.69 -19.18
C LYS B 37 10.56 -7.82 -18.19
N LYS B 38 11.23 -8.95 -18.38
CA LYS B 38 11.16 -10.08 -17.45
C LYS B 38 12.42 -10.07 -16.59
N SER B 39 12.42 -9.17 -15.61
CA SER B 39 13.56 -9.05 -14.70
C SER B 39 13.07 -8.59 -13.34
N CYS B 40 13.91 -8.82 -12.33
CA CYS B 40 13.59 -8.45 -10.95
C CYS B 40 14.70 -7.66 -10.28
N THR B 41 15.74 -7.27 -11.01
CA THR B 41 16.84 -6.49 -10.48
C THR B 41 16.74 -5.05 -10.99
N LEU B 42 16.81 -4.10 -10.07
CA LEU B 42 16.77 -2.69 -10.43
C LEU B 42 18.01 -1.97 -9.91
N TYR B 43 18.47 -1.00 -10.67
CA TYR B 43 19.69 -0.25 -10.38
C TYR B 43 19.32 1.11 -9.81
N VAL B 44 19.98 1.51 -8.74
CA VAL B 44 19.77 2.82 -8.14
C VAL B 44 20.95 3.72 -8.53
N GLY B 45 20.79 5.02 -8.30
CA GLY B 45 21.75 5.98 -8.79
C GLY B 45 22.06 7.05 -7.77
N ASN B 46 23.30 7.54 -7.87
CA ASN B 46 23.85 8.65 -7.07
C ASN B 46 23.41 8.60 -5.60
N LEU B 47 23.71 7.47 -4.97
CA LEU B 47 23.60 7.41 -3.52
C LEU B 47 24.76 8.16 -2.88
N SER B 48 24.60 8.52 -1.62
CA SER B 48 25.70 9.10 -0.87
C SER B 48 26.78 8.05 -0.61
N PHE B 49 28.03 8.49 -0.60
CA PHE B 49 29.11 7.55 -0.32
C PHE B 49 29.08 7.03 1.10
N TYR B 50 28.38 7.72 2.01
CA TYR B 50 28.34 7.32 3.41
C TYR B 50 27.14 6.45 3.75
N THR B 51 26.31 6.10 2.77
CA THR B 51 25.21 5.20 3.03
C THR B 51 25.71 3.78 3.29
N THR B 52 24.87 2.97 3.92
CA THR B 52 25.25 1.63 4.33
C THR B 52 24.23 0.63 3.78
N GLU B 53 24.51 -0.65 4.03
CA GLU B 53 23.59 -1.71 3.60
C GLU B 53 22.23 -1.56 4.25
N GLU B 54 22.21 -1.31 5.56
CA GLU B 54 20.95 -1.26 6.28
C GLU B 54 20.09 -0.08 5.85
N GLN B 55 20.71 1.05 5.50
CA GLN B 55 19.93 2.21 5.10
C GLN B 55 19.14 1.93 3.82
N ILE B 56 19.81 1.45 2.78
CA ILE B 56 19.10 1.16 1.54
C ILE B 56 18.17 -0.03 1.72
N TYR B 57 18.54 -1.00 2.55
CA TYR B 57 17.67 -2.13 2.80
C TYR B 57 16.36 -1.67 3.46
N GLU B 58 16.46 -0.77 4.43
CA GLU B 58 15.27 -0.30 5.12
C GLU B 58 14.33 0.44 4.17
N LEU B 59 14.88 1.30 3.31
CA LEU B 59 14.04 2.07 2.40
C LEU B 59 13.35 1.16 1.40
N PHE B 60 14.10 0.22 0.82
CA PHE B 60 13.55 -0.66 -0.21
C PHE B 60 12.76 -1.82 0.36
N SER B 61 12.85 -2.09 1.66
CA SER B 61 12.02 -3.11 2.26
C SER B 61 10.56 -2.67 2.35
N LYS B 62 10.29 -1.37 2.23
CA LYS B 62 8.92 -0.89 2.28
C LYS B 62 8.11 -1.42 1.11
N SER B 63 8.75 -1.63 -0.04
CA SER B 63 8.03 -2.23 -1.17
C SER B 63 7.82 -3.73 -0.95
N GLY B 64 8.82 -4.43 -0.41
CA GLY B 64 8.69 -5.84 -0.16
C GLY B 64 10.02 -6.44 0.24
N ASP B 65 10.03 -7.76 0.30
CA ASP B 65 11.24 -8.48 0.69
C ASP B 65 12.28 -8.42 -0.41
N ILE B 66 13.56 -8.47 -0.01
CA ILE B 66 14.69 -8.38 -0.91
C ILE B 66 15.49 -9.67 -0.83
N LYS B 67 15.80 -10.26 -1.98
CA LYS B 67 16.63 -11.46 -1.98
C LYS B 67 18.09 -11.13 -1.70
N LYS B 68 18.61 -10.06 -2.30
CA LYS B 68 20.02 -9.73 -2.16
C LYS B 68 20.24 -8.30 -2.61
N ILE B 69 21.05 -7.57 -1.86
CA ILE B 69 21.48 -6.22 -2.21
C ILE B 69 22.97 -6.26 -2.49
N ILE B 70 23.34 -5.87 -3.70
CA ILE B 70 24.73 -5.84 -4.12
C ILE B 70 25.19 -4.39 -4.11
N MET B 71 25.96 -4.01 -3.10
CA MET B 71 26.45 -2.64 -3.01
C MET B 71 27.44 -2.36 -4.13
N GLY B 72 27.39 -1.13 -4.63
CA GLY B 72 28.33 -0.71 -5.66
C GLY B 72 29.67 -0.35 -5.06
N LEU B 73 30.73 -1.02 -5.51
CA LEU B 73 32.07 -0.83 -4.97
C LEU B 73 32.98 -0.25 -6.04
N ASP B 74 33.96 0.54 -5.60
CA ASP B 74 34.96 1.05 -6.52
C ASP B 74 35.79 -0.09 -7.07
N LYS B 75 36.07 -0.03 -8.37
CA LYS B 75 36.84 -1.09 -9.02
C LYS B 75 38.25 -1.18 -8.45
N MET B 76 38.87 -0.03 -8.19
CA MET B 76 40.22 0.01 -7.65
C MET B 76 40.27 0.28 -6.15
N LYS B 77 39.50 1.26 -5.67
CA LYS B 77 39.53 1.61 -4.27
C LYS B 77 38.75 0.64 -3.40
N LYS B 78 37.90 -0.20 -3.99
CA LYS B 78 37.09 -1.17 -3.25
C LYS B 78 36.23 -0.48 -2.19
N THR B 79 35.68 0.68 -2.55
CA THR B 79 34.86 1.47 -1.65
C THR B 79 33.57 1.83 -2.35
N ALA B 80 32.57 2.20 -1.56
CA ALA B 80 31.24 2.48 -2.09
C ALA B 80 31.29 3.63 -3.10
N CYS B 81 30.57 3.46 -4.21
CA CYS B 81 30.49 4.45 -5.26
C CYS B 81 29.10 5.06 -5.39
N GLY B 82 28.29 4.99 -4.34
CA GLY B 82 26.98 5.61 -4.35
C GLY B 82 25.98 5.00 -5.32
N PHE B 83 25.95 3.68 -5.42
CA PHE B 83 24.92 2.99 -6.19
C PHE B 83 24.88 1.54 -5.73
N CYS B 84 23.77 0.87 -6.03
CA CYS B 84 23.61 -0.53 -5.64
C CYS B 84 22.52 -1.16 -6.48
N PHE B 85 22.49 -2.48 -6.45
CA PHE B 85 21.44 -3.26 -7.10
C PHE B 85 20.55 -3.88 -6.03
N VAL B 86 19.25 -3.82 -6.23
CA VAL B 86 18.28 -4.44 -5.34
C VAL B 86 17.50 -5.47 -6.15
N GLU B 87 17.42 -6.69 -5.64
CA GLU B 87 16.73 -7.78 -6.31
C GLU B 87 15.59 -8.29 -5.43
N TYR B 88 14.41 -8.39 -6.02
CA TYR B 88 13.23 -8.89 -5.34
C TYR B 88 12.89 -10.29 -5.83
N TYR B 89 12.13 -11.02 -5.00
CA TYR B 89 11.74 -12.37 -5.39
C TYR B 89 10.68 -12.38 -6.47
N SER B 90 9.91 -11.31 -6.62
CA SER B 90 8.82 -11.26 -7.58
C SER B 90 8.90 -9.97 -8.39
N ARG B 91 8.51 -10.07 -9.67
CA ARG B 91 8.50 -8.90 -10.53
C ARG B 91 7.51 -7.86 -10.03
N ALA B 92 6.34 -8.30 -9.57
CA ALA B 92 5.33 -7.36 -9.10
C ALA B 92 5.82 -6.55 -7.92
N ASP B 93 6.74 -7.10 -7.14
CA ASP B 93 7.32 -6.35 -6.03
C ASP B 93 8.30 -5.30 -6.52
N ALA B 94 9.12 -5.65 -7.51
CA ALA B 94 10.10 -4.71 -8.03
C ALA B 94 9.42 -3.51 -8.69
N GLU B 95 8.36 -3.75 -9.46
CA GLU B 95 7.63 -2.66 -10.08
C GLU B 95 7.06 -1.71 -9.04
N ASN B 96 6.59 -2.27 -7.92
CA ASN B 96 6.07 -1.43 -6.85
C ASN B 96 7.14 -0.52 -6.28
N ALA B 97 8.35 -1.04 -6.11
CA ALA B 97 9.47 -0.19 -5.68
C ALA B 97 9.80 0.86 -6.74
N MET B 98 9.81 0.45 -8.01
CA MET B 98 10.12 1.40 -9.08
C MET B 98 9.11 2.53 -9.14
N ARG B 99 7.84 2.25 -8.83
CA ARG B 99 6.81 3.26 -8.95
C ARG B 99 6.86 4.30 -7.84
N TYR B 100 7.34 3.94 -6.65
CA TYR B 100 7.23 4.89 -5.56
C TYR B 100 8.55 5.17 -4.86
N ILE B 101 9.41 4.18 -4.69
CA ILE B 101 10.70 4.44 -4.06
C ILE B 101 11.58 5.29 -4.95
N ASN B 102 11.34 5.29 -6.26
CA ASN B 102 12.14 6.10 -7.17
C ASN B 102 11.89 7.58 -6.93
N GLY B 103 12.95 8.37 -7.11
CA GLY B 103 12.84 9.80 -6.90
C GLY B 103 12.56 10.21 -5.48
N THR B 104 12.75 9.32 -4.52
CA THR B 104 12.51 9.61 -3.12
C THR B 104 13.82 9.93 -2.43
N ARG B 105 13.81 10.97 -1.60
CA ARG B 105 15.04 11.42 -0.96
C ARG B 105 15.51 10.40 0.06
N LEU B 106 16.78 10.04 0.00
CA LEU B 106 17.41 9.13 0.95
C LEU B 106 18.69 9.77 1.46
N ASP B 107 18.81 9.86 2.79
CA ASP B 107 19.95 10.54 3.43
C ASP B 107 20.11 11.96 2.87
N ASP B 108 18.97 12.66 2.74
CA ASP B 108 18.94 14.00 2.17
C ASP B 108 19.58 14.03 0.79
N ARG B 109 19.21 13.06 -0.04
CA ARG B 109 19.71 12.99 -1.41
C ARG B 109 18.70 12.27 -2.28
N ILE B 110 18.32 12.91 -3.38
CA ILE B 110 17.36 12.31 -4.31
C ILE B 110 18.04 11.15 -5.04
N ILE B 111 17.33 10.04 -5.16
CA ILE B 111 17.87 8.85 -5.80
C ILE B 111 17.06 8.55 -7.06
N ARG B 112 17.68 7.80 -7.96
CA ARG B 112 17.07 7.40 -9.22
C ARG B 112 17.16 5.89 -9.37
N THR B 113 16.07 5.26 -9.81
CA THR B 113 16.01 3.81 -9.96
C THR B 113 15.74 3.46 -11.42
N ASP B 114 16.42 2.41 -11.90
CA ASP B 114 16.29 1.96 -13.27
C ASP B 114 16.26 0.43 -13.28
N TRP B 115 15.56 -0.12 -14.26
CA TRP B 115 15.53 -1.57 -14.44
C TRP B 115 16.91 -2.09 -14.83
N ASP B 116 17.16 -3.36 -14.50
CA ASP B 116 18.41 -4.00 -14.88
C ASP B 116 18.13 -5.40 -15.40
N ALA B 117 19.04 -5.89 -16.24
CA ALA B 117 18.89 -7.18 -16.90
C ALA B 117 19.32 -8.35 -16.03
N GLY B 118 19.84 -8.10 -14.84
CA GLY B 118 20.29 -9.19 -13.98
C GLY B 118 21.74 -9.06 -13.60
N PHE B 119 22.08 -9.43 -12.36
CA PHE B 119 23.44 -9.27 -11.88
C PHE B 119 24.37 -10.31 -12.50
N LYS B 120 25.62 -9.90 -12.69
CA LYS B 120 26.69 -10.79 -13.10
C LYS B 120 27.94 -10.44 -12.32
N GLU B 121 28.86 -11.40 -12.24
CA GLU B 121 30.08 -11.18 -11.48
C GLU B 121 30.92 -10.08 -12.12
N GLY B 122 31.49 -9.22 -11.28
CA GLY B 122 32.32 -8.13 -11.75
C GLY B 122 31.57 -6.92 -12.26
N ARG B 123 30.25 -6.93 -12.20
CA ARG B 123 29.45 -5.82 -12.69
C ARG B 123 29.29 -4.71 -11.66
N GLN B 124 29.38 -5.03 -10.37
CA GLN B 124 29.16 -4.04 -9.33
C GLN B 124 30.27 -3.00 -9.26
N TYR B 125 31.37 -3.19 -9.96
CA TYR B 125 32.45 -2.21 -9.97
C TYR B 125 32.17 -1.12 -10.97
N GLY B 126 32.47 0.12 -10.58
CA GLY B 126 32.28 1.24 -11.49
C GLY B 126 33.17 1.14 -12.72
N ARG B 127 32.67 1.64 -13.84
CA ARG B 127 33.37 1.55 -15.11
C ARG B 127 34.13 2.82 -15.46
N GLY B 128 34.20 3.78 -14.55
CA GLY B 128 34.94 5.00 -14.83
C GLY B 128 36.45 4.77 -14.82
N ARG B 129 37.15 5.64 -15.55
CA ARG B 129 38.60 5.53 -15.63
C ARG B 129 39.24 5.74 -14.26
N SER B 130 38.73 6.71 -13.49
CA SER B 130 39.27 6.96 -12.16
C SER B 130 38.93 5.86 -11.16
N GLY B 131 38.05 4.93 -11.53
CA GLY B 131 37.67 3.84 -10.67
C GLY B 131 36.25 3.93 -10.15
N GLY B 132 35.65 5.11 -10.17
CA GLY B 132 34.27 5.29 -9.77
C GLY B 132 33.32 5.11 -10.94
N GLN B 133 32.13 5.68 -10.79
CA GLN B 133 31.18 5.68 -11.90
C GLN B 133 31.67 6.60 -13.01
N VAL B 134 31.17 6.33 -14.23
CA VAL B 134 31.57 7.14 -15.38
C VAL B 134 31.12 8.58 -15.18
N ARG B 135 29.93 8.79 -14.63
CA ARG B 135 29.40 10.14 -14.45
C ARG B 135 30.22 10.96 -13.47
N ASP B 136 31.02 10.32 -12.62
CA ASP B 136 31.72 11.06 -11.57
C ASP B 136 32.76 12.00 -12.15
N GLU B 137 33.61 11.52 -13.06
CA GLU B 137 34.67 12.36 -13.60
C GLU B 137 34.10 13.49 -14.45
N TYR B 138 33.05 13.21 -15.22
CA TYR B 138 32.45 14.26 -16.03
C TYR B 138 31.74 15.31 -15.19
N ARG B 139 31.41 15.00 -13.94
CA ARG B 139 30.76 15.96 -13.07
C ARG B 139 31.71 17.12 -12.77
N GLN B 140 31.13 18.30 -12.60
CA GLN B 140 31.91 19.52 -12.40
C GLN B 140 31.68 20.18 -11.05
N ASP B 141 30.45 20.19 -10.55
CA ASP B 141 30.17 20.89 -9.31
C ASP B 141 30.72 20.11 -8.12
N TYR B 142 30.66 20.75 -6.95
CA TYR B 142 31.15 20.16 -5.71
C TYR B 142 29.99 19.55 -4.93
N ASP B 143 30.11 18.28 -4.60
CA ASP B 143 29.11 17.58 -3.81
C ASP B 143 29.80 16.80 -2.71
N ALA B 144 29.33 16.99 -1.46
CA ALA B 144 29.95 16.30 -0.34
C ALA B 144 29.68 14.80 -0.38
N GLY B 145 28.49 14.41 -0.82
CA GLY B 145 28.13 13.00 -0.83
C GLY B 145 28.95 12.16 -1.79
N ARG B 146 29.54 12.78 -2.81
CA ARG B 146 30.37 12.07 -3.78
C ARG B 146 31.85 12.35 -3.57
N GLY B 147 32.22 12.86 -2.40
CA GLY B 147 33.61 13.14 -2.11
C GLY B 147 34.22 14.26 -2.92
N GLY B 148 33.47 15.33 -3.17
CA GLY B 148 34.01 16.50 -3.83
C GLY B 148 33.78 16.53 -5.33
N TYR B 149 34.86 16.42 -6.09
CA TYR B 149 34.79 16.52 -7.56
C TYR B 149 34.85 15.15 -8.20
N GLY C 79 20.65 23.93 -23.74
CA GLY C 79 20.03 24.95 -24.57
C GLY C 79 18.51 24.88 -24.57
N ALA C 80 17.96 24.06 -23.68
CA ALA C 80 16.52 23.90 -23.55
C ALA C 80 16.02 24.94 -22.55
N LYS C 81 15.52 26.06 -23.07
CA LYS C 81 15.03 27.15 -22.23
C LYS C 81 13.51 27.03 -22.12
N LEU C 82 13.03 26.93 -20.88
CA LEU C 82 11.61 26.73 -20.61
C LEU C 82 11.05 27.96 -19.91
N LEU C 83 9.87 28.40 -20.35
CA LEU C 83 9.19 29.55 -19.79
C LEU C 83 7.88 29.11 -19.16
N VAL C 84 7.64 29.55 -17.94
CA VAL C 84 6.41 29.24 -17.20
C VAL C 84 5.75 30.56 -16.82
N SER C 85 4.43 30.62 -17.00
CA SER C 85 3.67 31.83 -16.75
C SER C 85 2.45 31.50 -15.90
N ASN C 86 1.69 32.54 -15.56
CA ASN C 86 0.50 32.42 -14.72
C ASN C 86 0.82 31.87 -13.35
N LEU C 87 2.06 32.06 -12.90
CA LEU C 87 2.46 31.63 -11.57
C LEU C 87 1.85 32.55 -10.51
N ASP C 88 1.51 31.95 -9.36
CA ASP C 88 1.01 32.74 -8.25
C ASP C 88 2.10 33.70 -7.76
N PHE C 89 1.67 34.89 -7.35
CA PHE C 89 2.62 35.91 -6.94
C PHE C 89 3.41 35.49 -5.70
N GLY C 90 2.83 34.63 -4.86
CA GLY C 90 3.49 34.18 -3.65
C GLY C 90 4.43 33.01 -3.80
N VAL C 91 4.59 32.48 -5.02
CA VAL C 91 5.45 31.31 -5.22
C VAL C 91 6.90 31.76 -5.21
N SER C 92 7.68 31.16 -4.31
CA SER C 92 9.10 31.49 -4.21
C SER C 92 9.91 30.73 -5.26
N ASP C 93 11.15 31.17 -5.45
CA ASP C 93 12.03 30.50 -6.40
C ASP C 93 12.39 29.09 -5.93
N ALA C 94 12.38 28.85 -4.62
CA ALA C 94 12.69 27.52 -4.10
C ALA C 94 11.65 26.51 -4.57
N ASP C 95 10.38 26.90 -4.62
CA ASP C 95 9.33 25.99 -5.06
C ASP C 95 9.56 25.53 -6.49
N ILE C 96 9.91 26.45 -7.38
CA ILE C 96 10.17 26.09 -8.76
C ILE C 96 11.36 25.15 -8.86
N GLN C 97 12.42 25.44 -8.11
CA GLN C 97 13.61 24.60 -8.16
C GLN C 97 13.31 23.18 -7.70
N GLU C 98 12.55 23.04 -6.62
CA GLU C 98 12.24 21.71 -6.11
C GLU C 98 11.28 20.98 -7.05
N LEU C 99 10.37 21.72 -7.69
CA LEU C 99 9.35 21.08 -8.52
C LEU C 99 9.96 20.38 -9.72
N PHE C 100 10.95 20.99 -10.36
CA PHE C 100 11.56 20.45 -11.56
C PHE C 100 12.84 19.67 -11.28
N ALA C 101 13.20 19.49 -10.01
CA ALA C 101 14.45 18.80 -9.70
C ALA C 101 14.38 17.34 -10.10
N GLU C 102 13.20 16.73 -10.06
CA GLU C 102 13.07 15.31 -10.36
C GLU C 102 13.47 15.00 -11.80
N PHE C 103 13.11 15.87 -12.74
CA PHE C 103 13.41 15.63 -14.14
C PHE C 103 14.90 15.71 -14.46
N GLY C 104 15.71 16.20 -13.53
CA GLY C 104 17.15 16.28 -13.76
C GLY C 104 17.74 17.59 -13.27
N THR C 105 19.05 17.74 -13.44
CA THR C 105 19.70 18.97 -13.03
C THR C 105 19.25 20.13 -13.90
N LEU C 106 19.20 21.32 -13.29
CA LEU C 106 18.73 22.52 -13.95
C LEU C 106 19.88 23.50 -14.08
N LYS C 107 20.11 24.00 -15.30
CA LYS C 107 21.15 25.00 -15.50
C LYS C 107 20.82 26.28 -14.73
N LYS C 108 19.56 26.71 -14.77
CA LYS C 108 19.13 27.89 -14.05
C LYS C 108 17.63 27.81 -13.86
N ALA C 109 17.17 28.24 -12.68
CA ALA C 109 15.73 28.22 -12.39
C ALA C 109 15.47 29.25 -11.30
N ALA C 110 14.80 30.33 -11.66
CA ALA C 110 14.51 31.40 -10.71
C ALA C 110 13.27 32.15 -11.17
N VAL C 111 12.70 32.94 -10.25
CA VAL C 111 11.52 33.74 -10.51
C VAL C 111 11.93 35.19 -10.66
N ASP C 112 11.37 35.87 -11.65
CA ASP C 112 11.68 37.27 -11.90
C ASP C 112 10.97 38.16 -10.90
N TYR C 113 11.71 39.12 -10.35
CA TYR C 113 11.19 40.05 -9.35
C TYR C 113 11.07 41.45 -9.94
N ASP C 114 10.26 42.27 -9.28
CA ASP C 114 10.08 43.66 -9.68
C ASP C 114 11.21 44.52 -9.12
N ARG C 115 11.13 45.82 -9.39
CA ARG C 115 12.12 46.74 -8.85
C ARG C 115 12.00 46.87 -7.34
N SER C 116 10.79 46.71 -6.81
CA SER C 116 10.55 46.78 -5.38
C SER C 116 10.64 45.41 -4.69
N GLY C 117 10.90 44.35 -5.44
CA GLY C 117 11.01 43.02 -4.89
C GLY C 117 9.79 42.14 -5.11
N ARG C 118 8.69 42.69 -5.59
CA ARG C 118 7.50 41.89 -5.85
C ARG C 118 7.74 40.94 -7.02
N SER C 119 7.15 39.76 -6.93
CA SER C 119 7.31 38.77 -8.00
C SER C 119 6.54 39.20 -9.25
N LEU C 120 6.98 38.67 -10.39
CA LEU C 120 6.36 38.95 -11.67
C LEU C 120 5.32 37.92 -12.07
N GLY C 121 5.05 36.93 -11.23
CA GLY C 121 4.11 35.90 -11.58
C GLY C 121 4.56 34.97 -12.68
N THR C 122 5.88 34.89 -12.91
CA THR C 122 6.43 34.04 -13.95
C THR C 122 7.86 33.69 -13.58
N ALA C 123 8.40 32.68 -14.26
CA ALA C 123 9.75 32.21 -13.97
C ALA C 123 10.36 31.63 -15.23
N ASP C 124 11.69 31.53 -15.21
CA ASP C 124 12.46 30.95 -16.31
C ASP C 124 13.32 29.82 -15.75
N VAL C 125 13.24 28.66 -16.39
CA VAL C 125 14.01 27.48 -15.99
C VAL C 125 14.74 26.95 -17.22
N HIS C 126 16.03 26.68 -17.07
CA HIS C 126 16.89 26.25 -18.16
C HIS C 126 17.26 24.79 -17.99
N PHE C 127 17.11 24.01 -19.05
CA PHE C 127 17.47 22.60 -19.06
C PHE C 127 18.63 22.37 -20.02
N GLU C 128 19.59 21.56 -19.58
CA GLU C 128 20.71 21.22 -20.46
C GLU C 128 20.30 20.20 -21.52
N ARG C 129 19.30 19.38 -21.25
CA ARG C 129 18.81 18.38 -22.18
C ARG C 129 17.47 18.83 -22.75
N ARG C 130 17.35 18.77 -24.08
CA ARG C 130 16.09 19.13 -24.72
C ARG C 130 14.98 18.17 -24.33
N ALA C 131 15.29 16.88 -24.23
CA ALA C 131 14.27 15.89 -23.90
C ALA C 131 13.70 16.11 -22.51
N ASP C 132 14.57 16.45 -21.54
CA ASP C 132 14.09 16.65 -20.18
C ASP C 132 13.10 17.80 -20.10
N ALA C 133 13.39 18.90 -20.80
CA ALA C 133 12.42 20.00 -20.87
C ALA C 133 11.14 19.56 -21.55
N LEU C 134 11.27 18.79 -22.64
CA LEU C 134 10.08 18.25 -23.31
C LEU C 134 9.32 17.31 -22.38
N LYS C 135 10.04 16.46 -21.64
CA LYS C 135 9.39 15.59 -20.68
C LYS C 135 8.70 16.39 -19.59
N ALA C 136 9.36 17.44 -19.09
CA ALA C 136 8.74 18.31 -18.11
C ALA C 136 7.58 19.09 -18.71
N MET C 137 7.66 19.44 -19.99
CA MET C 137 6.58 20.16 -20.64
C MET C 137 5.28 19.37 -20.59
N LYS C 138 5.34 18.10 -21.01
CA LYS C 138 4.13 17.28 -21.03
C LYS C 138 3.60 17.03 -19.62
N GLN C 139 4.49 16.77 -18.66
CA GLN C 139 4.06 16.41 -17.32
C GLN C 139 3.31 17.54 -16.63
N TYR C 140 3.82 18.77 -16.75
CA TYR C 140 3.34 19.87 -15.93
C TYR C 140 2.57 20.93 -16.73
N LYS C 141 2.20 20.65 -17.97
CA LYS C 141 1.46 21.64 -18.74
C LYS C 141 0.02 21.74 -18.25
N GLY C 142 -0.39 22.95 -17.88
CA GLY C 142 -1.74 23.19 -17.43
C GLY C 142 -2.02 22.63 -16.04
N VAL C 143 -1.00 22.12 -15.38
CA VAL C 143 -1.18 21.57 -14.03
C VAL C 143 -1.33 22.72 -13.05
N PRO C 144 -2.37 22.73 -12.20
CA PRO C 144 -2.55 23.83 -11.25
C PRO C 144 -1.44 23.88 -10.21
N LEU C 145 -1.10 25.10 -9.82
CA LEU C 145 -0.08 25.35 -8.79
C LEU C 145 -0.58 26.47 -7.90
N ASP C 146 -0.93 26.13 -6.66
CA ASP C 146 -1.53 27.07 -5.72
C ASP C 146 -2.78 27.72 -6.30
N GLY C 147 -3.56 26.95 -7.05
CA GLY C 147 -4.81 27.42 -7.62
C GLY C 147 -4.70 28.02 -9.01
N ARG C 148 -3.50 28.35 -9.47
CA ARG C 148 -3.31 28.91 -10.80
C ARG C 148 -2.70 27.86 -11.72
N PRO C 149 -3.36 27.46 -12.79
CA PRO C 149 -2.76 26.49 -13.72
C PRO C 149 -1.46 27.03 -14.31
N MET C 150 -0.50 26.13 -14.47
CA MET C 150 0.82 26.49 -14.96
C MET C 150 0.81 26.51 -16.48
N ASP C 151 0.77 27.70 -17.07
CA ASP C 151 0.89 27.85 -18.51
C ASP C 151 2.36 27.78 -18.89
N ILE C 152 2.73 26.81 -19.71
CA ILE C 152 4.12 26.50 -20.01
C ILE C 152 4.38 26.79 -21.48
N GLN C 153 5.47 27.50 -21.76
CA GLN C 153 5.89 27.80 -23.12
C GLN C 153 7.36 27.45 -23.28
N LEU C 154 7.69 26.83 -24.41
CA LEU C 154 9.06 26.42 -24.70
C LEU C 154 9.66 27.38 -25.72
N VAL C 155 10.83 27.93 -25.38
CA VAL C 155 11.50 28.89 -26.26
C VAL C 155 12.92 28.44 -26.54
#